data_4XDV
#
_entry.id   4XDV
#
_cell.length_a   104.699
_cell.length_b   61.161
_cell.length_c   119.552
_cell.angle_alpha   90.000
_cell.angle_beta   90.150
_cell.angle_gamma   90.000
#
_symmetry.space_group_name_H-M   'P 1 21 1'
#
loop_
_entity.id
_entity.type
_entity.pdbx_description
1 polymer 'Limonene-1,2-epoxide hydrolase'
2 non-polymer (1R,2R)-cyclohexane-1,2-diol
3 water water
#
_entity_poly.entity_id   1
_entity_poly.type   'polypeptide(L)'
_entity_poly.pdbx_seq_one_letter_code
;MHHHHHHTSLIEQPRWASKDSAAGAASTPDEKIVLEFMDALTSNDAAKLIEYFAEDTMYQNMPLPPAYGRDAVEQTLAGF
FTVVSVDAVETFHIGSSNGLVYTERVDVLRALPTGKSYNFSILGVFQLTEGKITGWRDYFDLREFEEAVDLPLRG
;
_entity_poly.pdbx_strand_id   C,E,G,D,F,H,A,B
#
# COMPACT_ATOMS: atom_id res chain seq x y z
N ILE A 11 11.01 13.69 14.60
CA ILE A 11 11.45 12.99 15.81
C ILE A 11 10.96 11.54 15.85
N GLU A 12 11.84 10.65 16.31
CA GLU A 12 11.51 9.27 16.69
C GLU A 12 10.75 8.42 15.65
N GLN A 13 9.46 8.20 15.92
CA GLN A 13 8.75 7.04 15.38
C GLN A 13 9.46 5.75 15.78
N PRO A 14 9.17 5.25 16.99
CA PRO A 14 9.79 4.09 17.62
C PRO A 14 9.49 2.80 16.87
N ARG A 15 10.30 1.78 17.07
CA ARG A 15 10.11 0.49 16.43
C ARG A 15 8.78 -0.11 16.84
N TRP A 16 8.40 0.10 18.11
CA TRP A 16 7.20 -0.54 18.65
C TRP A 16 5.90 0.16 18.29
N ALA A 17 6.00 1.20 17.47
CA ALA A 17 4.84 1.99 17.02
C ALA A 17 3.91 1.18 16.11
N SER A 18 2.66 1.02 16.55
CA SER A 18 1.65 0.32 15.78
C SER A 18 0.77 1.31 15.01
N LYS A 19 0.53 1.03 13.73
CA LYS A 19 -0.33 1.89 12.92
C LYS A 19 -1.78 1.80 13.41
N ASP A 20 -2.15 0.62 13.91
CA ASP A 20 -3.51 0.35 14.34
C ASP A 20 -3.99 1.29 15.44
N SER A 21 -3.03 1.92 16.11
CA SER A 21 -3.38 2.73 17.27
C SER A 21 -2.77 4.13 17.17
N ALA A 22 -2.48 4.56 15.93
CA ALA A 22 -1.80 5.84 15.72
C ALA A 22 -2.72 7.03 16.01
N ALA A 23 -2.12 8.22 16.08
CA ALA A 23 -2.88 9.44 16.33
C ALA A 23 -3.93 9.66 15.25
N GLY A 24 -3.49 9.66 13.99
CA GLY A 24 -4.35 9.93 12.85
C GLY A 24 -5.54 8.99 12.77
N ALA A 25 -5.51 7.94 13.59
CA ALA A 25 -6.56 6.92 13.62
C ALA A 25 -7.48 7.05 14.83
N ALA A 26 -7.34 8.14 15.58
CA ALA A 26 -8.27 8.43 16.69
C ALA A 26 -9.72 8.33 16.19
N SER A 27 -10.54 7.55 16.89
CA SER A 27 -11.86 7.24 16.35
C SER A 27 -13.03 7.30 17.35
N THR A 28 -12.84 7.98 18.47
CA THR A 28 -13.97 8.34 19.35
C THR A 28 -13.91 9.84 19.71
N PRO A 29 -15.05 10.43 20.16
CA PRO A 29 -15.00 11.84 20.56
C PRO A 29 -13.97 12.15 21.66
N ASP A 30 -13.93 11.37 22.74
CA ASP A 30 -12.89 11.49 23.79
C ASP A 30 -11.46 11.45 23.24
N GLU A 31 -11.17 10.47 22.39
CA GLU A 31 -9.87 10.37 21.74
C GLU A 31 -9.59 11.64 20.95
N LYS A 32 -10.59 12.10 20.22
CA LYS A 32 -10.47 13.32 19.42
C LYS A 32 -10.12 14.52 20.32
N ILE A 33 -10.71 14.54 21.51
CA ILE A 33 -10.54 15.66 22.44
C ILE A 33 -9.15 15.68 23.08
N VAL A 34 -8.74 14.53 23.59
CA VAL A 34 -7.41 14.39 24.20
C VAL A 34 -6.33 14.78 23.17
N LEU A 35 -6.48 14.37 21.91
CA LEU A 35 -5.53 14.77 20.88
C LEU A 35 -5.44 16.29 20.69
N GLU A 36 -6.60 16.95 20.69
CA GLU A 36 -6.68 18.40 20.57
C GLU A 36 -6.06 19.06 21.81
N PHE A 37 -6.36 18.52 22.98
CA PHE A 37 -5.72 18.94 24.22
C PHE A 37 -4.20 18.78 24.15
N MET A 38 -3.73 17.66 23.59
CA MET A 38 -2.31 17.44 23.35
C MET A 38 -1.70 18.52 22.46
N ASP A 39 -2.39 18.92 21.40
CA ASP A 39 -1.91 20.01 20.54
C ASP A 39 -1.82 21.32 21.30
N ALA A 40 -2.77 21.49 22.22
CA ALA A 40 -2.92 22.74 22.96
C ALA A 40 -1.78 22.96 23.95
N LEU A 41 -1.17 21.87 24.42
CA LEU A 41 -0.11 21.97 25.41
C LEU A 41 1.01 22.90 24.99
N THR A 42 1.31 22.96 23.70
CA THR A 42 2.40 23.77 23.21
C THR A 42 2.08 25.27 23.34
N SER A 43 0.87 25.60 23.74
CA SER A 43 0.49 26.99 23.95
C SER A 43 1.18 27.59 25.16
N ASN A 44 1.47 26.77 26.16
CA ASN A 44 2.08 27.23 27.40
C ASN A 44 1.17 28.21 28.15
N ASP A 45 -0.11 28.20 27.79
CA ASP A 45 -1.10 29.15 28.31
C ASP A 45 -2.09 28.46 29.23
N ALA A 46 -1.87 28.56 30.53
CA ALA A 46 -2.72 27.89 31.50
C ALA A 46 -4.21 28.29 31.45
N ALA A 47 -4.48 29.54 31.08
CA ALA A 47 -5.85 30.03 30.97
C ALA A 47 -6.61 29.36 29.83
N LYS A 48 -5.88 29.02 28.77
CA LYS A 48 -6.47 28.32 27.63
C LYS A 48 -6.64 26.83 27.91
N LEU A 49 -5.67 26.25 28.64
CA LEU A 49 -5.73 24.82 28.94
C LEU A 49 -6.81 24.47 29.94
N ILE A 50 -6.98 25.31 30.97
CA ILE A 50 -7.93 25.02 32.04
C ILE A 50 -9.37 24.86 31.53
N GLU A 51 -9.65 25.40 30.35
CA GLU A 51 -10.98 25.26 29.74
C GLU A 51 -11.33 23.83 29.32
N TYR A 52 -10.31 22.96 29.19
CA TYR A 52 -10.59 21.56 28.88
C TYR A 52 -11.07 20.81 30.12
N PHE A 53 -10.84 21.41 31.28
CA PHE A 53 -11.06 20.72 32.55
C PHE A 53 -12.45 20.94 33.13
N ALA A 54 -13.05 19.86 33.61
CA ALA A 54 -14.23 19.96 34.47
C ALA A 54 -13.87 20.58 35.81
N GLU A 55 -14.89 20.92 36.60
CA GLU A 55 -14.67 21.56 37.88
C GLU A 55 -14.15 20.57 38.91
N ASP A 56 -14.81 19.42 38.99
CA ASP A 56 -14.32 18.32 39.81
C ASP A 56 -13.29 17.57 38.95
N THR A 57 -12.02 17.72 39.28
CA THR A 57 -10.97 17.25 38.40
C THR A 57 -9.67 17.08 39.18
N MET A 58 -8.73 16.35 38.57
CA MET A 58 -7.40 16.20 39.15
C MET A 58 -6.34 16.06 38.05
N TYR A 59 -5.10 16.33 38.43
CA TYR A 59 -3.98 16.29 37.54
C TYR A 59 -2.78 15.93 38.38
N GLN A 60 -2.00 14.95 37.91
CA GLN A 60 -0.84 14.50 38.65
C GLN A 60 0.26 14.06 37.71
N ASN A 61 1.49 14.49 38.00
CA ASN A 61 2.68 13.88 37.46
C ASN A 61 3.14 12.89 38.52
N MET A 62 2.93 11.60 38.28
CA MET A 62 3.19 10.57 39.28
C MET A 62 4.66 10.56 39.69
N PRO A 63 4.96 10.43 40.98
CA PRO A 63 4.06 10.37 42.14
C PRO A 63 4.06 11.70 42.91
N LEU A 64 4.28 12.82 42.23
CA LEU A 64 4.30 14.12 42.91
C LEU A 64 2.88 14.41 43.37
N PRO A 65 2.75 15.19 44.46
CA PRO A 65 1.47 15.63 45.00
C PRO A 65 0.51 16.04 43.89
N PRO A 66 -0.67 15.41 43.85
CA PRO A 66 -1.65 15.72 42.81
C PRO A 66 -2.35 17.06 43.08
N ALA A 67 -2.97 17.59 42.04
CA ALA A 67 -3.77 18.78 42.17
C ALA A 67 -5.22 18.41 42.01
N TYR A 68 -6.03 18.69 43.03
CA TYR A 68 -7.45 18.38 42.93
C TYR A 68 -8.25 19.68 42.81
N GLY A 69 -9.18 19.69 41.86
CA GLY A 69 -9.98 20.87 41.62
C GLY A 69 -9.37 21.78 40.58
N ARG A 70 -10.23 22.48 39.85
CA ARG A 70 -9.82 23.33 38.73
C ARG A 70 -8.85 24.44 39.14
N ASP A 71 -9.09 25.07 40.30
CA ASP A 71 -8.18 26.08 40.79
C ASP A 71 -6.75 25.55 40.92
N ALA A 72 -6.59 24.46 41.66
CA ALA A 72 -5.27 23.91 41.91
C ALA A 72 -4.55 23.56 40.62
N VAL A 73 -5.30 23.00 39.68
CA VAL A 73 -4.76 22.53 38.41
C VAL A 73 -4.23 23.69 37.59
N GLU A 74 -5.05 24.73 37.46
CA GLU A 74 -4.62 25.93 36.75
C GLU A 74 -3.41 26.56 37.41
N GLN A 75 -3.46 26.73 38.73
CA GLN A 75 -2.31 27.27 39.43
C GLN A 75 -1.06 26.42 39.18
N THR A 76 -1.23 25.12 39.10
CA THR A 76 -0.09 24.23 38.91
C THR A 76 0.50 24.36 37.49
N LEU A 77 -0.38 24.42 36.49
CA LEU A 77 0.05 24.61 35.11
C LEU A 77 0.69 25.97 34.92
N ALA A 78 0.10 27.00 35.52
CA ALA A 78 0.62 28.35 35.37
C ALA A 78 2.04 28.38 35.92
N GLY A 79 2.23 27.84 37.11
CA GLY A 79 3.55 27.73 37.68
C GLY A 79 4.54 27.03 36.75
N PHE A 80 4.12 25.92 36.15
CA PHE A 80 5.02 25.16 35.25
C PHE A 80 5.45 26.03 34.06
N PHE A 81 4.49 26.71 33.44
CA PHE A 81 4.76 27.56 32.28
C PHE A 81 5.57 28.83 32.58
N THR A 82 5.79 29.10 33.86
CA THR A 82 6.69 30.12 34.31
C THR A 82 8.17 29.73 34.11
N VAL A 83 8.47 28.43 34.18
CA VAL A 83 9.87 27.97 34.14
C VAL A 83 10.23 27.05 32.97
N VAL A 84 9.24 26.69 32.16
CA VAL A 84 9.45 25.64 31.19
C VAL A 84 8.50 25.82 30.01
N SER A 85 9.00 25.54 28.81
CA SER A 85 8.14 25.49 27.65
C SER A 85 7.90 24.05 27.18
N VAL A 86 6.68 23.77 26.76
CA VAL A 86 6.39 22.55 26.01
C VAL A 86 6.57 22.86 24.53
N ASP A 87 7.70 22.43 23.96
CA ASP A 87 8.03 22.74 22.57
C ASP A 87 7.34 21.83 21.57
N ALA A 88 7.20 20.56 21.95
CA ALA A 88 6.58 19.59 21.07
C ALA A 88 5.90 18.54 21.90
N VAL A 89 4.78 18.04 21.40
CA VAL A 89 4.17 16.83 21.91
C VAL A 89 3.96 15.90 20.72
N GLU A 90 4.53 14.70 20.81
CA GLU A 90 4.41 13.74 19.72
C GLU A 90 3.72 12.50 20.23
N THR A 91 2.47 12.34 19.84
CA THR A 91 1.70 11.18 20.26
C THR A 91 1.85 10.06 19.25
N PHE A 92 2.42 8.95 19.68
CA PHE A 92 2.57 7.77 18.84
C PHE A 92 1.30 6.90 18.86
N HIS A 93 0.72 6.69 20.04
CA HIS A 93 -0.48 5.89 20.19
C HIS A 93 -1.56 6.67 20.93
N ILE A 94 -2.79 6.56 20.46
CA ILE A 94 -3.91 6.94 21.29
C ILE A 94 -4.93 5.81 21.25
N GLY A 95 -5.61 5.60 22.36
CA GLY A 95 -6.61 4.56 22.44
C GLY A 95 -7.44 4.75 23.68
N SER A 96 -8.51 3.98 23.80
CA SER A 96 -9.44 4.19 24.89
C SER A 96 -10.16 2.92 25.25
N SER A 97 -10.70 2.90 26.46
CA SER A 97 -11.21 1.70 27.05
C SER A 97 -11.83 2.03 28.39
N ASN A 98 -13.08 1.62 28.57
CA ASN A 98 -13.72 1.70 29.88
C ASN A 98 -13.77 3.12 30.43
N GLY A 99 -13.92 4.09 29.52
CA GLY A 99 -14.01 5.47 29.92
C GLY A 99 -12.70 6.22 29.99
N LEU A 100 -11.58 5.51 29.95
CA LEU A 100 -10.27 6.17 30.00
C LEU A 100 -9.66 6.30 28.62
N VAL A 101 -8.86 7.34 28.44
CA VAL A 101 -8.08 7.48 27.24
C VAL A 101 -6.62 7.30 27.65
N TYR A 102 -5.80 6.82 26.70
CA TYR A 102 -4.38 6.63 26.90
C TYR A 102 -3.60 7.23 25.76
N THR A 103 -2.60 8.04 26.09
CA THR A 103 -1.65 8.56 25.11
C THR A 103 -0.29 7.96 25.39
N GLU A 104 0.31 7.30 24.40
CA GLU A 104 1.71 6.95 24.49
C GLU A 104 2.46 7.98 23.65
N ARG A 105 3.31 8.80 24.28
CA ARG A 105 3.85 9.96 23.58
C ARG A 105 5.23 10.40 24.05
N VAL A 106 5.74 11.46 23.46
CA VAL A 106 6.95 12.11 23.91
C VAL A 106 6.68 13.62 24.04
N ASP A 107 7.13 14.22 25.14
CA ASP A 107 7.03 15.66 25.28
C ASP A 107 8.43 16.18 25.26
N VAL A 108 8.60 17.32 24.60
CA VAL A 108 9.87 18.02 24.59
C VAL A 108 9.66 19.23 25.46
N LEU A 109 10.49 19.37 26.47
CA LEU A 109 10.35 20.46 27.41
C LEU A 109 11.65 21.23 27.40
N ARG A 110 11.52 22.55 27.36
CA ARG A 110 12.67 23.41 27.37
C ARG A 110 12.63 24.26 28.61
N ALA A 111 13.68 24.19 29.40
CA ALA A 111 13.82 25.04 30.58
C ALA A 111 14.08 26.47 30.14
N LEU A 112 13.26 27.39 30.62
CA LEU A 112 13.38 28.80 30.28
C LEU A 112 14.68 29.44 30.77
N PRO A 113 15.08 29.16 32.01
CA PRO A 113 16.33 29.85 32.41
C PRO A 113 17.60 29.37 31.70
N THR A 114 17.60 28.20 31.08
CA THR A 114 18.84 27.60 30.56
C THR A 114 18.82 27.37 29.06
N GLY A 115 17.62 27.24 28.50
CA GLY A 115 17.50 26.90 27.10
C GLY A 115 17.79 25.42 26.87
N LYS A 116 18.06 24.68 27.94
CA LYS A 116 18.25 23.25 27.77
C LYS A 116 16.92 22.57 27.49
N SER A 117 16.97 21.62 26.55
CA SER A 117 15.77 20.93 26.08
C SER A 117 15.73 19.51 26.68
N TYR A 118 14.57 18.86 26.69
CA TYR A 118 14.46 17.55 27.35
C TYR A 118 13.38 16.71 26.69
N ASN A 119 13.65 15.43 26.44
CA ASN A 119 12.63 14.53 25.90
C ASN A 119 12.08 13.63 27.00
N PHE A 120 10.76 13.66 27.23
CA PHE A 120 10.15 12.75 28.20
C PHE A 120 9.27 11.70 27.54
N SER A 121 9.61 10.42 27.75
CA SER A 121 8.76 9.32 27.29
C SER A 121 7.60 9.11 28.26
N ILE A 122 6.37 9.22 27.76
CA ILE A 122 5.21 9.33 28.62
C ILE A 122 4.04 8.45 28.21
N LEU A 123 3.41 7.84 29.20
CA LEU A 123 2.13 7.19 29.03
C LEU A 123 1.15 7.91 29.96
N GLY A 124 0.17 8.60 29.38
CA GLY A 124 -0.80 9.33 30.19
C GLY A 124 -2.18 8.71 30.15
N VAL A 125 -2.88 8.77 31.28
CA VAL A 125 -4.26 8.35 31.27
C VAL A 125 -5.17 9.54 31.51
N PHE A 126 -6.24 9.60 30.73
CA PHE A 126 -7.23 10.68 30.82
C PHE A 126 -8.60 10.12 31.09
N GLN A 127 -9.35 10.78 31.96
CA GLN A 127 -10.76 10.45 32.13
C GLN A 127 -11.55 11.70 31.82
N LEU A 128 -12.43 11.62 30.83
CA LEU A 128 -13.24 12.78 30.46
C LEU A 128 -14.65 12.54 30.93
N THR A 129 -15.35 13.63 31.24
CA THR A 129 -16.78 13.58 31.54
C THR A 129 -17.47 14.68 30.78
N GLU A 130 -18.47 14.30 29.99
CA GLU A 130 -19.18 15.23 29.12
C GLU A 130 -18.21 16.08 28.32
N GLY A 131 -17.13 15.44 27.87
CA GLY A 131 -16.11 16.08 27.06
C GLY A 131 -15.10 16.86 27.86
N LYS A 132 -15.18 16.74 29.20
CA LYS A 132 -14.34 17.54 30.09
C LYS A 132 -13.40 16.68 30.95
N ILE A 133 -12.17 17.14 31.16
CA ILE A 133 -11.17 16.36 31.90
C ILE A 133 -11.49 16.30 33.39
N THR A 134 -11.77 15.08 33.86
CA THR A 134 -11.98 14.87 35.28
C THR A 134 -10.76 14.22 35.94
N GLY A 135 -9.89 13.64 35.12
CA GLY A 135 -8.63 13.11 35.61
C GLY A 135 -7.55 13.05 34.56
N TRP A 136 -6.33 13.40 34.98
CA TRP A 136 -5.19 13.35 34.07
C TRP A 136 -3.92 13.00 34.84
N ARG A 137 -3.41 11.82 34.56
CA ARG A 137 -2.21 11.31 35.21
C ARG A 137 -1.17 10.90 34.13
N ASP A 138 -0.01 11.55 34.17
CA ASP A 138 1.08 11.24 33.26
C ASP A 138 2.07 10.37 34.03
N TYR A 139 2.60 9.33 33.37
CA TYR A 139 3.62 8.47 33.98
C TYR A 139 4.90 8.54 33.18
N PHE A 140 6.02 8.75 33.87
CA PHE A 140 7.31 8.94 33.23
C PHE A 140 8.45 9.08 34.23
N ASP A 141 9.67 8.99 33.74
CA ASP A 141 10.85 9.15 34.57
C ASP A 141 11.03 10.62 34.96
N LEU A 142 11.09 10.89 36.26
CA LEU A 142 11.27 12.26 36.74
C LEU A 142 12.71 12.55 37.10
N ARG A 143 13.65 11.74 36.64
CA ARG A 143 15.05 12.02 36.95
C ARG A 143 15.49 13.40 36.42
N GLU A 144 15.02 13.77 35.24
CA GLU A 144 15.44 15.05 34.68
C GLU A 144 14.42 16.16 34.90
N PHE A 145 13.23 15.76 35.34
CA PHE A 145 12.17 16.69 35.66
C PHE A 145 12.65 17.78 36.63
N GLU A 146 13.39 17.40 37.65
CA GLU A 146 13.82 18.36 38.66
C GLU A 146 14.75 19.42 38.06
N GLU A 147 15.66 18.97 37.20
CA GLU A 147 16.57 19.87 36.51
C GLU A 147 15.83 20.68 35.48
N ALA A 148 14.88 20.06 34.78
CA ALA A 148 14.16 20.70 33.69
C ALA A 148 13.20 21.77 34.19
N VAL A 149 12.55 21.48 35.30
CA VAL A 149 11.57 22.39 35.88
C VAL A 149 12.18 23.03 37.11
N ASP A 150 12.41 24.34 37.04
CA ASP A 150 13.07 25.06 38.12
C ASP A 150 12.09 25.41 39.23
N LEU A 151 11.34 24.44 39.68
CA LEU A 151 10.48 24.60 40.84
C LEU A 151 10.87 23.53 41.83
N PRO A 152 10.65 23.78 43.13
CA PRO A 152 10.96 22.72 44.10
C PRO A 152 10.04 21.53 43.90
N LEU A 153 10.56 20.32 44.06
CA LEU A 153 9.66 19.18 44.05
C LEU A 153 9.13 18.94 45.47
N ARG A 154 7.88 18.52 45.54
CA ARG A 154 7.24 18.24 46.81
C ARG A 154 7.27 16.72 47.08
N GLN B 13 -32.52 -16.80 27.61
CA GLN B 13 -31.11 -16.54 27.91
C GLN B 13 -30.20 -17.54 27.19
N PRO B 14 -29.83 -17.22 25.94
CA PRO B 14 -29.24 -18.13 24.94
C PRO B 14 -27.87 -18.73 25.30
N ARG B 15 -27.57 -19.87 24.69
CA ARG B 15 -26.34 -20.63 24.93
C ARG B 15 -25.07 -19.86 24.55
N TRP B 16 -25.15 -19.07 23.50
CA TRP B 16 -24.01 -18.26 23.07
C TRP B 16 -23.83 -16.97 23.89
N ALA B 17 -24.52 -16.87 25.02
CA ALA B 17 -24.41 -15.67 25.84
C ALA B 17 -23.04 -15.57 26.50
N SER B 18 -22.33 -14.48 26.19
CA SER B 18 -21.03 -14.21 26.79
C SER B 18 -21.10 -13.29 28.01
N LYS B 19 -20.59 -13.77 29.15
CA LYS B 19 -20.51 -12.95 30.35
C LYS B 19 -19.56 -11.75 30.20
N ASP B 20 -18.62 -11.83 29.26
CA ASP B 20 -17.63 -10.75 29.08
C ASP B 20 -18.24 -9.48 28.47
N SER B 21 -19.39 -9.63 27.84
CA SER B 21 -20.09 -8.46 27.31
C SER B 21 -21.50 -8.33 27.90
N ALA B 22 -21.67 -8.75 29.15
CA ALA B 22 -22.98 -8.69 29.82
C ALA B 22 -23.56 -7.28 29.76
N ALA B 23 -24.88 -7.20 29.81
CA ALA B 23 -25.54 -5.91 29.95
C ALA B 23 -25.09 -5.28 31.26
N GLY B 24 -24.93 -6.12 32.29
CA GLY B 24 -24.43 -5.72 33.59
C GLY B 24 -23.06 -5.06 33.56
N ALA B 25 -22.28 -5.41 32.55
CA ALA B 25 -20.87 -5.04 32.50
C ALA B 25 -20.58 -3.75 31.72
N ALA B 26 -21.62 -3.06 31.27
CA ALA B 26 -21.48 -1.78 30.57
C ALA B 26 -20.43 -0.93 31.28
N SER B 27 -19.45 -0.45 30.53
CA SER B 27 -18.26 0.07 31.18
C SER B 27 -17.86 1.45 30.68
N THR B 28 -18.75 2.04 29.88
CA THR B 28 -18.56 3.39 29.37
C THR B 28 -19.89 4.13 29.50
N PRO B 29 -19.86 5.48 29.50
CA PRO B 29 -21.10 6.26 29.65
C PRO B 29 -22.09 6.01 28.51
N ASP B 30 -21.59 5.93 27.27
CA ASP B 30 -22.43 5.69 26.11
C ASP B 30 -23.15 4.35 26.15
N GLU B 31 -22.48 3.34 26.71
CA GLU B 31 -23.08 2.02 26.87
C GLU B 31 -24.19 2.06 27.92
N LYS B 32 -24.00 2.89 28.94
CA LYS B 32 -24.98 2.98 30.03
C LYS B 32 -26.19 3.82 29.62
N ILE B 33 -25.96 4.85 28.81
CA ILE B 33 -27.08 5.65 28.31
C ILE B 33 -27.98 4.76 27.46
N VAL B 34 -27.34 3.95 26.61
CA VAL B 34 -28.07 3.06 25.72
C VAL B 34 -28.89 2.05 26.50
N LEU B 35 -28.36 1.57 27.62
CA LEU B 35 -29.05 0.56 28.40
C LEU B 35 -30.23 1.14 29.14
N GLU B 36 -30.04 2.32 29.73
CA GLU B 36 -31.12 3.03 30.38
C GLU B 36 -32.28 3.32 29.39
N PHE B 37 -31.92 3.43 28.12
CA PHE B 37 -32.88 3.53 27.00
C PHE B 37 -33.60 2.20 26.72
N MET B 38 -32.90 1.07 26.92
CA MET B 38 -33.51 -0.24 26.78
C MET B 38 -34.44 -0.60 27.95
N ASP B 39 -34.36 0.17 29.03
CA ASP B 39 -35.37 0.07 30.08
C ASP B 39 -36.54 0.97 29.71
N ALA B 40 -36.21 2.11 29.12
CA ALA B 40 -37.20 3.13 28.81
C ALA B 40 -38.18 2.74 27.70
N LEU B 41 -37.86 1.66 26.98
CA LEU B 41 -38.71 1.22 25.87
C LEU B 41 -39.99 0.49 26.31
N THR B 42 -40.14 0.27 27.61
CA THR B 42 -41.33 -0.40 28.12
C THR B 42 -42.48 0.57 28.37
N SER B 43 -42.23 1.85 28.12
CA SER B 43 -43.18 2.92 28.42
C SER B 43 -44.01 3.35 27.21
N ASN B 44 -43.45 3.18 26.01
CA ASN B 44 -44.09 3.62 24.76
C ASN B 44 -44.46 5.11 24.75
N ASP B 45 -43.96 5.85 25.74
CA ASP B 45 -44.05 7.29 25.72
C ASP B 45 -43.00 7.75 24.72
N ALA B 46 -43.46 8.30 23.59
CA ALA B 46 -42.55 8.79 22.54
C ALA B 46 -42.08 10.21 22.80
N ALA B 47 -42.62 10.85 23.84
CA ALA B 47 -42.14 12.16 24.28
C ALA B 47 -41.08 12.01 25.37
N LYS B 48 -41.16 10.92 26.13
CA LYS B 48 -40.13 10.61 27.12
C LYS B 48 -38.87 10.15 26.38
N LEU B 49 -39.01 9.04 25.65
CA LEU B 49 -37.94 8.45 24.86
C LEU B 49 -37.22 9.46 23.96
N ILE B 50 -37.97 10.42 23.42
CA ILE B 50 -37.39 11.40 22.50
C ILE B 50 -36.28 12.20 23.18
N GLU B 51 -36.30 12.24 24.51
CA GLU B 51 -35.29 12.98 25.26
C GLU B 51 -33.88 12.49 24.96
N TYR B 52 -33.74 11.18 24.75
CA TYR B 52 -32.44 10.58 24.45
C TYR B 52 -31.92 10.97 23.06
N PHE B 53 -32.75 11.63 22.26
CA PHE B 53 -32.39 11.93 20.88
C PHE B 53 -31.86 13.35 20.64
N ALA B 54 -30.80 13.43 19.84
CA ALA B 54 -30.29 14.70 19.34
C ALA B 54 -31.27 15.23 18.31
N GLU B 55 -31.27 16.54 18.11
CA GLU B 55 -32.13 17.13 17.10
C GLU B 55 -31.75 16.60 15.72
N ASP B 56 -30.46 16.62 15.43
CA ASP B 56 -29.97 16.06 14.18
C ASP B 56 -29.67 14.58 14.36
N THR B 57 -30.64 13.74 14.03
CA THR B 57 -30.52 12.31 14.29
C THR B 57 -31.03 11.48 13.12
N MET B 58 -31.19 10.18 13.36
CA MET B 58 -31.78 9.26 12.38
C MET B 58 -32.17 7.92 13.05
N TYR B 59 -33.32 7.38 12.66
CA TYR B 59 -33.78 6.11 13.18
C TYR B 59 -34.31 5.22 12.08
N GLN B 60 -33.70 4.05 11.91
CA GLN B 60 -34.16 3.10 10.89
C GLN B 60 -34.29 1.67 11.40
N ASN B 61 -35.42 1.04 11.11
CA ASN B 61 -35.49 -0.40 11.15
C ASN B 61 -35.23 -0.94 9.74
N MET B 62 -34.00 -1.40 9.50
CA MET B 62 -33.57 -1.82 8.17
C MET B 62 -34.51 -2.88 7.57
N PRO B 63 -34.72 -2.83 6.25
CA PRO B 63 -34.22 -1.81 5.32
C PRO B 63 -35.25 -0.72 5.00
N LEU B 64 -36.35 -0.68 5.76
CA LEU B 64 -37.39 0.33 5.59
C LEU B 64 -36.80 1.75 5.55
N PRO B 65 -37.50 2.70 4.91
CA PRO B 65 -37.02 4.08 4.90
C PRO B 65 -36.92 4.66 6.32
N PRO B 66 -35.84 5.40 6.60
CA PRO B 66 -35.53 6.00 7.91
C PRO B 66 -36.03 7.44 8.11
N ALA B 67 -36.27 7.78 9.37
CA ALA B 67 -36.59 9.15 9.75
C ALA B 67 -35.31 9.90 10.13
N TYR B 68 -34.91 10.85 9.30
CA TYR B 68 -33.65 11.56 9.50
C TYR B 68 -33.74 12.87 10.32
N GLY B 69 -34.91 13.13 10.93
CA GLY B 69 -35.04 14.26 11.82
C GLY B 69 -35.62 13.83 13.15
N ARG B 70 -35.22 14.48 14.24
CA ARG B 70 -35.67 14.10 15.59
C ARG B 70 -37.19 13.99 15.76
N ASP B 71 -37.90 15.06 15.41
CA ASP B 71 -39.36 15.08 15.46
C ASP B 71 -39.96 14.00 14.58
N ALA B 72 -39.41 13.85 13.37
CA ALA B 72 -39.82 12.80 12.45
C ALA B 72 -39.76 11.41 13.12
N VAL B 73 -38.73 11.16 13.93
CA VAL B 73 -38.67 9.88 14.62
C VAL B 73 -39.63 9.84 15.81
N GLU B 74 -39.90 11.00 16.39
CA GLU B 74 -40.83 11.11 17.52
C GLU B 74 -42.25 10.65 17.16
N GLN B 75 -42.73 11.10 16.00
CA GLN B 75 -44.04 10.68 15.51
C GLN B 75 -44.06 9.21 15.09
N THR B 76 -42.96 8.75 14.50
CA THR B 76 -42.79 7.36 14.12
C THR B 76 -43.00 6.46 15.34
N LEU B 77 -42.36 6.83 16.44
CA LEU B 77 -42.45 6.08 17.68
C LEU B 77 -43.85 6.22 18.27
N ALA B 78 -44.47 7.38 18.02
CA ALA B 78 -45.83 7.65 18.45
C ALA B 78 -46.84 6.76 17.72
N ALA B 88 -41.26 -6.38 27.15
CA ALA B 88 -39.99 -7.03 27.50
C ALA B 88 -38.87 -6.68 26.53
N VAL B 89 -37.80 -6.12 27.08
CA VAL B 89 -36.54 -5.94 26.36
C VAL B 89 -35.45 -6.63 27.17
N GLU B 90 -34.82 -7.65 26.60
CA GLU B 90 -33.76 -8.37 27.31
C GLU B 90 -32.45 -8.27 26.54
N THR B 91 -31.60 -7.33 26.94
CA THR B 91 -30.30 -7.15 26.32
C THR B 91 -29.36 -8.23 26.82
N PHE B 92 -28.84 -9.04 25.90
CA PHE B 92 -27.89 -10.08 26.25
C PHE B 92 -26.49 -9.46 26.30
N HIS B 93 -26.12 -8.80 25.21
CA HIS B 93 -24.83 -8.12 25.11
C HIS B 93 -24.97 -6.63 24.91
N ILE B 94 -24.14 -5.88 25.63
CA ILE B 94 -23.90 -4.50 25.31
C ILE B 94 -22.40 -4.39 25.01
N GLY B 95 -22.05 -3.60 24.02
CA GLY B 95 -20.65 -3.31 23.72
C GLY B 95 -20.53 -2.03 22.92
N SER B 96 -19.31 -1.58 22.69
CA SER B 96 -19.05 -0.35 21.96
C SER B 96 -17.69 -0.31 21.30
N SER B 97 -17.57 0.49 20.24
CA SER B 97 -16.35 0.54 19.45
C SER B 97 -16.41 1.66 18.43
N ASN B 98 -15.34 2.44 18.35
CA ASN B 98 -15.25 3.55 17.39
C ASN B 98 -16.45 4.50 17.42
N GLY B 99 -17.00 4.73 18.61
CA GLY B 99 -18.07 5.69 18.77
C GLY B 99 -19.41 5.10 18.42
N LEU B 100 -19.46 3.77 18.28
CA LEU B 100 -20.69 3.08 17.98
C LEU B 100 -21.03 2.14 19.13
N VAL B 101 -22.32 2.03 19.43
CA VAL B 101 -22.78 1.14 20.49
C VAL B 101 -23.67 0.02 19.93
N TYR B 102 -23.38 -1.21 20.36
CA TYR B 102 -24.11 -2.38 19.88
C TYR B 102 -24.90 -3.02 21.00
N THR B 103 -26.13 -3.40 20.68
CA THR B 103 -26.99 -4.16 21.58
C THR B 103 -27.45 -5.41 20.86
N GLU B 104 -27.12 -6.57 21.42
CA GLU B 104 -27.72 -7.82 21.00
C GLU B 104 -28.80 -8.13 22.02
N ARG B 105 -30.04 -8.18 21.56
CA ARG B 105 -31.17 -8.25 22.47
C ARG B 105 -32.32 -9.04 21.87
N VAL B 106 -33.41 -9.10 22.63
CA VAL B 106 -34.67 -9.64 22.14
C VAL B 106 -35.79 -8.71 22.58
N ASP B 107 -36.62 -8.30 21.63
CA ASP B 107 -37.84 -7.57 21.99
C ASP B 107 -39.09 -8.45 21.85
N VAL B 108 -39.59 -8.91 22.98
CA VAL B 108 -40.83 -9.68 23.04
C VAL B 108 -42.00 -8.71 22.96
N LEU B 109 -42.80 -8.84 21.90
CA LEU B 109 -43.95 -7.94 21.70
C LEU B 109 -45.26 -8.71 21.75
N PRO B 113 -53.68 -4.41 19.33
CA PRO B 113 -55.13 -4.55 19.25
C PRO B 113 -55.58 -5.99 19.48
N THR B 114 -54.79 -6.95 19.01
CA THR B 114 -55.17 -8.35 19.07
C THR B 114 -54.60 -9.08 20.30
N GLY B 115 -53.39 -8.70 20.70
CA GLY B 115 -52.74 -9.32 21.84
C GLY B 115 -51.83 -10.46 21.44
N LYS B 116 -51.40 -10.46 20.17
CA LYS B 116 -50.51 -11.48 19.67
C LYS B 116 -49.04 -11.11 19.92
N SER B 117 -48.29 -12.07 20.46
CA SER B 117 -46.89 -11.84 20.82
C SER B 117 -45.91 -12.36 19.77
N TYR B 118 -44.88 -11.58 19.49
CA TYR B 118 -43.82 -11.99 18.57
C TYR B 118 -42.44 -11.59 19.10
N ASN B 119 -41.54 -12.56 19.09
CA ASN B 119 -40.17 -12.34 19.54
C ASN B 119 -39.23 -12.02 18.38
N PHE B 120 -38.65 -10.84 18.44
CA PHE B 120 -37.75 -10.37 17.41
C PHE B 120 -36.33 -10.28 17.96
N SER B 121 -35.51 -11.28 17.65
CA SER B 121 -34.09 -11.23 17.89
C SER B 121 -33.47 -10.04 17.12
N ILE B 122 -32.95 -9.06 17.85
CA ILE B 122 -32.48 -7.82 17.24
C ILE B 122 -31.00 -7.55 17.51
N LEU B 123 -30.34 -6.95 16.53
CA LEU B 123 -29.00 -6.45 16.71
C LEU B 123 -29.04 -4.96 16.39
N GLY B 124 -28.81 -4.12 17.39
CA GLY B 124 -28.94 -2.69 17.21
C GLY B 124 -27.63 -1.90 17.31
N VAL B 125 -27.49 -0.92 16.43
CA VAL B 125 -26.31 -0.05 16.46
C VAL B 125 -26.75 1.41 16.75
N PHE B 126 -25.99 2.08 17.62
CA PHE B 126 -26.34 3.42 18.07
C PHE B 126 -25.13 4.32 17.95
N GLN B 127 -25.32 5.47 17.32
CA GLN B 127 -24.32 6.49 17.38
C GLN B 127 -24.81 7.57 18.35
N LEU B 128 -23.96 7.99 19.27
CA LEU B 128 -24.33 9.07 20.19
C LEU B 128 -23.38 10.26 20.05
N THR B 129 -23.94 11.45 20.26
CA THR B 129 -23.14 12.66 20.33
C THR B 129 -23.53 13.38 21.61
N GLU B 130 -22.55 13.61 22.48
CA GLU B 130 -22.77 14.26 23.77
C GLU B 130 -23.89 13.61 24.59
N GLY B 131 -24.02 12.29 24.46
CA GLY B 131 -24.96 11.56 25.28
C GLY B 131 -26.34 11.52 24.65
N LYS B 132 -26.44 12.01 23.43
CA LYS B 132 -27.72 12.02 22.72
C LYS B 132 -27.64 11.21 21.44
N ILE B 133 -28.71 10.48 21.15
CA ILE B 133 -28.72 9.56 20.04
C ILE B 133 -28.75 10.28 18.69
N THR B 134 -27.61 10.28 17.98
CA THR B 134 -27.52 10.87 16.65
C THR B 134 -27.84 9.87 15.53
N GLY B 135 -27.98 8.60 15.89
CA GLY B 135 -28.24 7.56 14.92
C GLY B 135 -28.69 6.29 15.60
N TRP B 136 -29.70 5.65 15.04
CA TRP B 136 -30.19 4.39 15.59
C TRP B 136 -30.68 3.48 14.46
N ARG B 137 -29.94 2.39 14.22
CA ARG B 137 -30.24 1.46 13.15
C ARG B 137 -30.45 0.05 13.71
N ASP B 138 -31.69 -0.44 13.62
CA ASP B 138 -32.05 -1.76 14.13
C ASP B 138 -32.13 -2.82 13.04
N TYR B 139 -31.43 -3.94 13.22
CA TYR B 139 -31.46 -5.03 12.26
C TYR B 139 -32.11 -6.28 12.84
N PHE B 140 -33.10 -6.81 12.13
CA PHE B 140 -33.91 -7.92 12.63
C PHE B 140 -34.86 -8.43 11.54
N ASP B 141 -35.40 -9.63 11.76
CA ASP B 141 -36.33 -10.24 10.80
C ASP B 141 -37.69 -9.51 10.78
N LEU B 142 -38.02 -8.91 9.64
CA LEU B 142 -39.29 -8.19 9.49
C LEU B 142 -40.42 -9.09 8.97
N ARG B 143 -40.25 -10.41 9.09
CA ARG B 143 -41.27 -11.39 8.68
C ARG B 143 -42.43 -11.51 9.66
N GLU B 144 -42.54 -10.58 10.61
CA GLU B 144 -43.65 -10.56 11.55
C GLU B 144 -43.89 -9.12 11.99
N PHE B 145 -43.03 -8.23 11.52
CA PHE B 145 -43.13 -6.81 11.82
C PHE B 145 -44.39 -6.22 11.16
N GLU B 146 -44.92 -6.93 10.18
CA GLU B 146 -46.16 -6.53 9.50
C GLU B 146 -47.41 -6.82 10.35
N GLU B 147 -47.45 -8.00 10.97
CA GLU B 147 -48.55 -8.36 11.86
C GLU B 147 -48.41 -7.73 13.25
N ALA B 148 -47.84 -6.53 13.29
CA ALA B 148 -47.74 -5.74 14.52
C ALA B 148 -48.06 -4.28 14.20
N VAL B 149 -47.52 -3.82 13.07
CA VAL B 149 -47.76 -2.45 12.59
C VAL B 149 -49.00 -2.38 11.71
N ASP B 150 -50.07 -1.76 12.24
CA ASP B 150 -51.32 -1.61 11.52
C ASP B 150 -51.35 -0.26 10.83
N ILE C 11 -12.53 -11.93 -13.51
CA ILE C 11 -12.37 -12.81 -14.67
C ILE C 11 -11.10 -13.66 -14.58
N GLU C 12 -11.24 -14.94 -14.91
CA GLU C 12 -10.13 -15.89 -14.86
C GLU C 12 -8.89 -15.44 -15.64
N GLN C 13 -7.76 -15.38 -14.96
CA GLN C 13 -6.48 -15.09 -15.62
C GLN C 13 -6.12 -16.20 -16.58
N PRO C 14 -5.93 -15.88 -17.86
CA PRO C 14 -5.47 -16.87 -18.84
C PRO C 14 -4.10 -17.39 -18.42
N ARG C 15 -3.65 -18.48 -19.02
CA ARG C 15 -2.37 -19.04 -18.62
C ARG C 15 -1.19 -18.36 -19.30
N TRP C 16 -1.45 -17.66 -20.41
CA TRP C 16 -0.39 -16.91 -21.06
C TRP C 16 -0.13 -15.59 -20.35
N ALA C 17 -0.90 -15.30 -19.31
CA ALA C 17 -0.68 -14.09 -18.52
C ALA C 17 0.73 -14.13 -17.96
N SER C 18 1.40 -12.98 -18.02
CA SER C 18 2.79 -12.84 -17.63
C SER C 18 2.87 -11.89 -16.45
N LYS C 19 3.38 -12.38 -15.33
CA LYS C 19 3.50 -11.57 -14.11
C LYS C 19 4.28 -10.28 -14.35
N ASP C 20 5.26 -10.34 -15.25
CA ASP C 20 6.16 -9.22 -15.49
C ASP C 20 5.46 -7.97 -16.05
N SER C 21 4.25 -8.15 -16.58
CA SER C 21 3.52 -7.04 -17.17
C SER C 21 2.11 -6.92 -16.58
N ALA C 22 1.95 -7.35 -15.35
CA ALA C 22 0.64 -7.30 -14.70
C ALA C 22 0.21 -5.85 -14.44
N ALA C 23 -1.09 -5.65 -14.20
CA ALA C 23 -1.64 -4.31 -14.04
C ALA C 23 -1.10 -3.67 -12.77
N GLY C 24 -0.90 -4.50 -11.74
CA GLY C 24 -0.40 -4.03 -10.46
C GLY C 24 1.04 -3.52 -10.54
N ALA C 25 1.73 -3.84 -11.63
CA ALA C 25 3.13 -3.50 -11.80
C ALA C 25 3.36 -2.27 -12.69
N ALA C 26 2.28 -1.62 -13.13
CA ALA C 26 2.38 -0.40 -13.93
C ALA C 26 3.43 0.51 -13.30
N SER C 27 4.32 1.07 -14.11
CA SER C 27 5.52 1.68 -13.57
C SER C 27 5.96 2.93 -14.29
N THR C 28 5.03 3.57 -15.01
CA THR C 28 5.23 4.89 -15.57
C THR C 28 3.92 5.66 -15.39
N PRO C 29 3.99 7.00 -15.37
CA PRO C 29 2.78 7.83 -15.35
C PRO C 29 1.74 7.49 -16.42
N ASP C 30 2.15 7.26 -17.65
CA ASP C 30 1.20 6.91 -18.71
C ASP C 30 0.47 5.61 -18.40
N GLU C 31 1.19 4.64 -17.83
CA GLU C 31 0.57 3.36 -17.49
C GLU C 31 -0.40 3.50 -16.32
N LYS C 32 -0.03 4.31 -15.34
CA LYS C 32 -0.90 4.53 -14.18
C LYS C 32 -2.22 5.15 -14.65
N ILE C 33 -2.11 6.13 -15.54
CA ILE C 33 -3.28 6.89 -15.98
C ILE C 33 -4.23 6.00 -16.78
N VAL C 34 -3.69 5.32 -17.79
CA VAL C 34 -4.49 4.39 -18.57
C VAL C 34 -5.19 3.37 -17.68
N LEU C 35 -4.49 2.87 -16.67
CA LEU C 35 -5.09 1.93 -15.72
C LEU C 35 -6.31 2.56 -15.06
N GLU C 36 -6.15 3.79 -14.60
CA GLU C 36 -7.21 4.51 -13.95
C GLU C 36 -8.40 4.62 -14.91
N PHE C 37 -8.10 4.91 -16.16
CA PHE C 37 -9.13 5.02 -17.17
C PHE C 37 -9.88 3.70 -17.31
N MET C 38 -9.12 2.61 -17.37
CA MET C 38 -9.68 1.26 -17.48
C MET C 38 -10.64 1.02 -16.33
N ASP C 39 -10.16 1.29 -15.11
CA ASP C 39 -10.95 1.03 -13.92
C ASP C 39 -12.23 1.84 -13.93
N ALA C 40 -12.15 3.07 -14.46
CA ALA C 40 -13.31 3.96 -14.45
C ALA C 40 -14.34 3.63 -15.54
N LEU C 41 -13.99 2.73 -16.45
CA LEU C 41 -14.92 2.38 -17.53
C LEU C 41 -16.23 1.83 -17.00
N THR C 42 -16.17 1.16 -15.84
CA THR C 42 -17.37 0.55 -15.27
C THR C 42 -18.39 1.59 -14.80
N SER C 43 -17.97 2.85 -14.74
CA SER C 43 -18.83 3.90 -14.23
C SER C 43 -19.94 4.21 -15.21
N ASN C 44 -19.74 3.81 -16.46
CA ASN C 44 -20.70 4.08 -17.53
C ASN C 44 -21.10 5.56 -17.61
N ASP C 45 -20.16 6.43 -17.24
CA ASP C 45 -20.41 7.87 -17.16
C ASP C 45 -19.56 8.61 -18.19
N ALA C 46 -20.14 8.89 -19.34
CA ALA C 46 -19.42 9.51 -20.45
C ALA C 46 -18.85 10.88 -20.11
N ALA C 47 -19.43 11.54 -19.10
CA ALA C 47 -19.00 12.86 -18.72
C ALA C 47 -17.76 12.79 -17.83
N LYS C 48 -17.71 11.80 -16.96
CA LYS C 48 -16.51 11.55 -16.17
C LYS C 48 -15.36 11.06 -17.06
N LEU C 49 -15.67 10.09 -17.91
CA LEU C 49 -14.66 9.47 -18.75
C LEU C 49 -13.93 10.47 -19.65
N ILE C 50 -14.66 11.49 -20.10
CA ILE C 50 -14.12 12.41 -21.09
C ILE C 50 -13.04 13.31 -20.51
N GLU C 51 -12.93 13.35 -19.18
CA GLU C 51 -11.86 14.10 -18.53
C GLU C 51 -10.46 13.52 -18.82
N TYR C 52 -10.40 12.27 -19.27
CA TYR C 52 -9.12 11.66 -19.62
C TYR C 52 -8.65 12.03 -21.04
N PHE C 53 -9.53 12.64 -21.82
CA PHE C 53 -9.23 12.91 -23.22
C PHE C 53 -8.77 14.34 -23.49
N ALA C 54 -7.82 14.50 -24.40
CA ALA C 54 -7.39 15.82 -24.84
C ALA C 54 -8.38 16.36 -25.86
N GLU C 55 -8.27 17.65 -26.17
CA GLU C 55 -9.11 18.25 -27.20
C GLU C 55 -8.86 17.58 -28.55
N ASP C 56 -7.62 17.61 -29.02
CA ASP C 56 -7.23 16.85 -30.22
C ASP C 56 -7.05 15.37 -29.85
N THR C 57 -8.08 14.55 -30.13
CA THR C 57 -8.07 13.15 -29.73
C THR C 57 -8.90 12.27 -30.66
N MET C 58 -8.75 10.95 -30.51
CA MET C 58 -9.47 9.98 -31.33
C MET C 58 -9.76 8.67 -30.59
N TYR C 59 -10.91 8.09 -30.89
CA TYR C 59 -11.30 6.80 -30.34
C TYR C 59 -11.71 5.94 -31.53
N GLN C 60 -11.42 4.65 -31.46
CA GLN C 60 -11.82 3.73 -32.50
C GLN C 60 -11.87 2.29 -32.03
N ASN C 61 -12.91 1.61 -32.46
CA ASN C 61 -13.00 0.17 -32.35
C ASN C 61 -12.77 -0.33 -33.77
N MET C 62 -11.57 -0.82 -34.07
CA MET C 62 -11.20 -1.18 -35.45
C MET C 62 -12.12 -2.26 -36.02
N PRO C 63 -12.39 -2.22 -37.34
CA PRO C 63 -12.00 -1.16 -38.27
C PRO C 63 -13.15 -0.17 -38.44
N LEU C 64 -14.03 -0.13 -37.44
CA LEU C 64 -15.20 0.75 -37.48
C LEU C 64 -14.79 2.22 -37.49
N PRO C 65 -15.67 3.09 -37.99
CA PRO C 65 -15.42 4.54 -38.07
C PRO C 65 -14.87 5.13 -36.79
N PRO C 66 -13.81 5.95 -36.90
CA PRO C 66 -13.23 6.59 -35.71
C PRO C 66 -13.94 7.89 -35.34
N ALA C 67 -14.25 8.04 -34.05
CA ALA C 67 -14.71 9.31 -33.52
C ALA C 67 -13.52 10.24 -33.39
N TYR C 68 -13.42 11.22 -34.28
CA TYR C 68 -12.36 12.21 -34.21
C TYR C 68 -12.83 13.42 -33.43
N GLY C 69 -12.01 13.89 -32.50
CA GLY C 69 -12.39 15.03 -31.69
C GLY C 69 -13.01 14.62 -30.37
N ARG C 70 -12.69 15.38 -29.33
CA ARG C 70 -13.17 15.13 -27.98
C ARG C 70 -14.70 15.12 -27.90
N ASP C 71 -15.35 16.06 -28.60
CA ASP C 71 -16.81 16.13 -28.61
C ASP C 71 -17.45 14.85 -29.15
N ALA C 72 -17.00 14.43 -30.33
CA ALA C 72 -17.47 13.19 -30.93
C ALA C 72 -17.31 12.00 -29.98
N VAL C 73 -16.10 11.82 -29.46
CA VAL C 73 -15.81 10.73 -28.51
C VAL C 73 -16.87 10.69 -27.42
N GLU C 74 -17.10 11.83 -26.77
CA GLU C 74 -18.06 11.91 -25.67
C GLU C 74 -19.47 11.50 -26.12
N GLN C 75 -19.87 11.95 -27.30
CA GLN C 75 -21.16 11.52 -27.84
C GLN C 75 -21.21 10.00 -28.03
N THR C 76 -20.14 9.44 -28.60
CA THR C 76 -20.06 8.01 -28.82
C THR C 76 -20.19 7.23 -27.52
N LEU C 77 -19.45 7.68 -26.51
CA LEU C 77 -19.47 7.01 -25.22
C LEU C 77 -20.86 7.12 -24.61
N ALA C 78 -21.49 8.29 -24.78
CA ALA C 78 -22.81 8.54 -24.22
C ALA C 78 -23.87 7.64 -24.86
N GLY C 79 -23.83 7.56 -26.18
CA GLY C 79 -24.73 6.66 -26.90
C GLY C 79 -24.54 5.23 -26.46
N PHE C 80 -23.29 4.76 -26.45
CA PHE C 80 -22.99 3.41 -25.99
C PHE C 80 -23.55 3.13 -24.60
N PHE C 81 -23.43 4.11 -23.70
CA PHE C 81 -23.92 3.93 -22.33
C PHE C 81 -25.45 4.01 -22.24
N THR C 82 -26.10 4.36 -23.35
CA THR C 82 -27.55 4.27 -23.45
C THR C 82 -27.97 2.81 -23.62
N VAL C 83 -27.23 2.10 -24.46
CA VAL C 83 -27.60 0.74 -24.83
C VAL C 83 -26.86 -0.35 -24.04
N VAL C 84 -25.69 -0.02 -23.49
CA VAL C 84 -24.86 -1.06 -22.87
C VAL C 84 -24.20 -0.64 -21.54
N SER C 85 -24.04 -1.61 -20.65
CA SER C 85 -23.28 -1.42 -19.42
C SER C 85 -21.96 -2.16 -19.52
N VAL C 86 -20.91 -1.54 -18.98
CA VAL C 86 -19.62 -2.19 -18.82
C VAL C 86 -19.53 -2.66 -17.38
N ASP C 87 -19.80 -3.95 -17.18
CA ASP C 87 -19.88 -4.50 -15.84
C ASP C 87 -18.52 -4.82 -15.25
N ALA C 88 -17.59 -5.25 -16.09
CA ALA C 88 -16.23 -5.52 -15.61
C ALA C 88 -15.14 -5.32 -16.67
N VAL C 89 -14.01 -4.74 -16.24
CA VAL C 89 -12.81 -4.69 -17.07
C VAL C 89 -11.64 -5.29 -16.30
N GLU C 90 -11.11 -6.39 -16.81
CA GLU C 90 -9.99 -7.07 -16.16
C GLU C 90 -8.78 -6.98 -17.07
N THR C 91 -7.78 -6.24 -16.61
CA THR C 91 -6.61 -5.92 -17.41
C THR C 91 -5.48 -6.90 -17.09
N PHE C 92 -5.18 -7.80 -18.04
CA PHE C 92 -4.16 -8.82 -17.81
C PHE C 92 -2.77 -8.21 -17.87
N HIS C 93 -2.48 -7.51 -18.96
CA HIS C 93 -1.20 -6.85 -19.14
C HIS C 93 -1.39 -5.35 -19.36
N ILE C 94 -0.49 -4.56 -18.77
CA ILE C 94 -0.26 -3.20 -19.25
C ILE C 94 1.24 -3.00 -19.45
N GLY C 95 1.58 -2.42 -20.60
CA GLY C 95 2.96 -2.12 -20.94
C GLY C 95 2.99 -0.80 -21.66
N SER C 96 4.17 -0.34 -22.05
CA SER C 96 4.27 0.89 -22.83
C SER C 96 5.59 0.93 -23.56
N SER C 97 5.60 1.57 -24.72
CA SER C 97 6.81 1.65 -25.51
C SER C 97 6.70 2.82 -26.47
N ASN C 98 7.76 3.63 -26.56
CA ASN C 98 7.84 4.68 -27.57
C ASN C 98 6.66 5.65 -27.61
N GLY C 99 6.07 5.92 -26.44
CA GLY C 99 4.96 6.84 -26.33
C GLY C 99 3.59 6.19 -26.34
N LEU C 100 3.51 4.89 -26.62
CA LEU C 100 2.22 4.21 -26.65
C LEU C 100 2.04 3.33 -25.42
N VAL C 101 0.81 3.24 -24.91
CA VAL C 101 0.49 2.32 -23.82
C VAL C 101 -0.38 1.18 -24.37
N TYR C 102 -0.12 -0.05 -23.92
CA TYR C 102 -0.88 -1.22 -24.44
C TYR C 102 -1.61 -1.90 -23.31
N THR C 103 -2.88 -2.22 -23.53
CA THR C 103 -3.62 -3.01 -22.55
C THR C 103 -4.12 -4.29 -23.18
N GLU C 104 -3.75 -5.42 -22.58
CA GLU C 104 -4.30 -6.70 -22.98
C GLU C 104 -5.28 -7.10 -21.88
N ARG C 105 -6.55 -7.20 -22.26
CA ARG C 105 -7.64 -7.26 -21.28
C ARG C 105 -8.86 -7.98 -21.82
N VAL C 106 -9.83 -8.18 -20.92
CA VAL C 106 -11.17 -8.62 -21.32
C VAL C 106 -12.24 -7.71 -20.71
N ASP C 107 -13.06 -7.11 -21.57
CA ASP C 107 -14.20 -6.28 -21.15
C ASP C 107 -15.50 -7.06 -21.14
N VAL C 108 -16.20 -7.03 -20.00
CA VAL C 108 -17.53 -7.62 -19.88
C VAL C 108 -18.61 -6.57 -20.18
N LEU C 109 -19.16 -6.65 -21.39
CA LEU C 109 -20.24 -5.76 -21.83
C LEU C 109 -21.61 -6.42 -21.56
N ARG C 110 -22.53 -5.66 -20.96
CA ARG C 110 -23.89 -6.14 -20.73
C ARG C 110 -24.94 -5.27 -21.42
N ALA C 111 -25.62 -5.83 -22.43
CA ALA C 111 -26.64 -5.09 -23.17
C ALA C 111 -27.87 -4.82 -22.29
N LEU C 112 -28.29 -3.56 -22.24
CA LEU C 112 -29.35 -3.15 -21.32
C LEU C 112 -30.75 -3.73 -21.59
N PRO C 113 -31.25 -3.66 -22.84
CA PRO C 113 -32.59 -4.18 -23.11
C PRO C 113 -32.79 -5.67 -22.78
N THR C 114 -31.74 -6.48 -22.88
CA THR C 114 -31.89 -7.92 -22.65
C THR C 114 -31.22 -8.40 -21.38
N GLY C 115 -30.04 -7.86 -21.08
CA GLY C 115 -29.30 -8.31 -19.92
C GLY C 115 -28.23 -9.31 -20.30
N LYS C 116 -28.18 -9.65 -21.59
CA LYS C 116 -27.20 -10.61 -22.11
C LYS C 116 -25.79 -10.04 -22.04
N SER C 117 -24.93 -10.70 -21.27
CA SER C 117 -23.54 -10.24 -21.09
C SER C 117 -22.59 -10.91 -22.07
N TYR C 118 -21.75 -10.09 -22.71
CA TYR C 118 -20.79 -10.55 -23.70
C TYR C 118 -19.34 -10.31 -23.26
N ASN C 119 -18.50 -11.33 -23.37
CA ASN C 119 -17.08 -11.17 -23.12
C ASN C 119 -16.29 -10.96 -24.41
N PHE C 120 -15.48 -9.91 -24.42
CA PHE C 120 -14.65 -9.57 -25.56
C PHE C 120 -13.19 -9.62 -25.13
N SER C 121 -12.37 -10.31 -25.93
CA SER C 121 -10.92 -10.35 -25.69
C SER C 121 -10.29 -9.19 -26.43
N ILE C 122 -9.76 -8.22 -25.70
CA ILE C 122 -9.31 -6.97 -26.33
C ILE C 122 -7.82 -6.67 -26.12
N LEU C 123 -7.16 -6.26 -27.19
CA LEU C 123 -5.87 -5.61 -27.07
C LEU C 123 -6.00 -4.17 -27.56
N GLY C 124 -5.66 -3.22 -26.69
CA GLY C 124 -5.85 -1.81 -27.00
C GLY C 124 -4.58 -0.98 -26.86
N VAL C 125 -4.41 -0.02 -27.77
CA VAL C 125 -3.27 0.91 -27.72
C VAL C 125 -3.74 2.33 -27.37
N PHE C 126 -2.95 3.02 -26.54
CA PHE C 126 -3.27 4.39 -26.13
C PHE C 126 -2.07 5.29 -26.33
N GLN C 127 -2.30 6.49 -26.83
CA GLN C 127 -1.22 7.45 -26.98
C GLN C 127 -1.57 8.71 -26.21
N LEU C 128 -0.77 9.02 -25.21
CA LEU C 128 -1.04 10.13 -24.30
C LEU C 128 -0.11 11.27 -24.56
N THR C 129 -0.67 12.47 -24.59
CA THR C 129 0.12 13.70 -24.69
C THR C 129 -0.15 14.50 -23.42
N GLU C 130 0.90 14.71 -22.63
CA GLU C 130 0.77 15.37 -21.33
C GLU C 130 -0.33 14.81 -20.42
N GLY C 131 -0.39 13.48 -20.31
CA GLY C 131 -1.29 12.83 -19.37
C GLY C 131 -2.73 12.71 -19.84
N LYS C 132 -2.98 13.09 -21.08
CA LYS C 132 -4.33 13.08 -21.65
C LYS C 132 -4.34 12.22 -22.90
N ILE C 133 -5.43 11.46 -23.06
CA ILE C 133 -5.57 10.57 -24.21
C ILE C 133 -5.77 11.32 -25.51
N THR C 134 -4.82 11.17 -26.43
CA THR C 134 -4.99 11.76 -27.75
C THR C 134 -5.27 10.66 -28.79
N GLY C 135 -5.27 9.42 -28.32
CA GLY C 135 -5.45 8.25 -29.18
C GLY C 135 -5.85 7.01 -28.43
N TRP C 136 -6.93 6.38 -28.87
CA TRP C 136 -7.42 5.16 -28.26
C TRP C 136 -7.94 4.22 -29.34
N ARG C 137 -7.23 3.11 -29.58
CA ARG C 137 -7.66 2.11 -30.55
C ARG C 137 -7.74 0.72 -29.93
N ASP C 138 -8.96 0.19 -29.81
CA ASP C 138 -9.19 -1.14 -29.27
C ASP C 138 -9.28 -2.15 -30.40
N TYR C 139 -8.57 -3.26 -30.27
CA TYR C 139 -8.66 -4.34 -31.24
C TYR C 139 -9.33 -5.56 -30.61
N PHE C 140 -10.35 -6.08 -31.29
CA PHE C 140 -11.08 -7.28 -30.87
C PHE C 140 -12.08 -7.77 -31.92
N ASP C 141 -12.71 -8.91 -31.63
CA ASP C 141 -13.64 -9.57 -32.57
C ASP C 141 -15.01 -8.87 -32.58
N LEU C 142 -15.41 -8.34 -33.73
CA LEU C 142 -16.62 -7.53 -33.80
C LEU C 142 -17.88 -8.27 -34.26
N ARG C 143 -17.87 -9.59 -34.18
CA ARG C 143 -19.03 -10.37 -34.60
C ARG C 143 -20.25 -10.09 -33.71
N GLU C 144 -20.13 -10.39 -32.42
CA GLU C 144 -21.22 -10.11 -31.49
C GLU C 144 -21.37 -8.63 -31.14
N PHE C 145 -20.46 -7.81 -31.63
CA PHE C 145 -20.42 -6.41 -31.23
C PHE C 145 -21.58 -5.59 -31.80
N GLU C 146 -22.14 -6.04 -32.92
CA GLU C 146 -23.35 -5.44 -33.45
C GLU C 146 -24.52 -5.82 -32.58
N GLU C 147 -24.46 -7.04 -32.07
CA GLU C 147 -25.52 -7.58 -31.23
C GLU C 147 -25.49 -7.02 -29.80
N ALA C 148 -24.31 -6.95 -29.21
CA ALA C 148 -24.17 -6.40 -27.86
C ALA C 148 -24.47 -4.89 -27.83
N VAL C 149 -24.01 -4.18 -28.86
CA VAL C 149 -24.22 -2.75 -28.96
C VAL C 149 -25.22 -2.53 -30.07
N ASP C 150 -26.47 -2.32 -29.67
CA ASP C 150 -27.59 -2.38 -30.59
C ASP C 150 -27.49 -1.48 -31.84
N LEU C 151 -26.91 -0.31 -31.67
CA LEU C 151 -26.76 0.65 -32.77
C LEU C 151 -25.84 0.09 -33.87
N PRO C 152 -26.07 0.50 -35.13
CA PRO C 152 -25.38 -0.10 -36.28
C PRO C 152 -24.06 0.57 -36.65
N LEU C 153 -23.41 0.03 -37.68
CA LEU C 153 -22.10 0.49 -38.11
C LEU C 153 -21.88 0.29 -39.61
N ILE D 11 -1.49 -1.09 50.68
CA ILE D 11 -1.83 -0.35 49.46
C ILE D 11 -3.34 -0.13 49.36
N GLU D 12 -3.75 1.13 49.44
CA GLU D 12 -5.15 1.48 49.35
C GLU D 12 -5.54 1.76 47.89
N GLN D 13 -6.81 1.57 47.56
CA GLN D 13 -7.35 2.08 46.30
C GLN D 13 -7.21 3.59 46.28
N PRO D 14 -6.64 4.15 45.21
CA PRO D 14 -6.52 5.61 45.12
C PRO D 14 -7.86 6.29 44.84
N ARG D 15 -7.97 7.56 45.17
CA ARG D 15 -9.22 8.31 45.01
C ARG D 15 -9.71 8.25 43.57
N TRP D 16 -8.79 8.24 42.62
CA TRP D 16 -9.16 8.35 41.21
C TRP D 16 -9.53 7.03 40.57
N ALA D 17 -9.55 5.98 41.37
CA ALA D 17 -9.87 4.64 40.86
C ALA D 17 -11.30 4.56 40.34
N SER D 18 -11.45 4.12 39.10
CA SER D 18 -12.78 3.96 38.47
C SER D 18 -13.15 2.49 38.34
N LYS D 19 -14.38 2.16 38.70
CA LYS D 19 -14.81 0.77 38.68
C LYS D 19 -15.00 0.23 37.27
N ASP D 20 -15.39 1.08 36.35
CA ASP D 20 -15.60 0.63 34.97
C ASP D 20 -14.35 0.00 34.28
N SER D 21 -13.16 0.21 34.85
CA SER D 21 -11.94 -0.34 34.25
C SER D 21 -11.16 -1.23 35.21
N ALA D 22 -11.79 -1.55 36.34
CA ALA D 22 -11.12 -2.33 37.38
C ALA D 22 -10.66 -3.69 36.87
N ALA D 23 -9.65 -4.22 37.55
CA ALA D 23 -9.04 -5.52 37.25
C ALA D 23 -10.07 -6.66 37.18
N GLY D 24 -10.96 -6.69 38.15
CA GLY D 24 -12.00 -7.70 38.19
C GLY D 24 -12.94 -7.70 37.00
N ALA D 25 -12.93 -6.65 36.18
CA ALA D 25 -13.85 -6.62 35.04
C ALA D 25 -13.17 -6.87 33.69
N ALA D 26 -12.06 -7.59 33.70
CA ALA D 26 -11.37 -7.90 32.45
C ALA D 26 -12.29 -8.75 31.59
N SER D 27 -12.31 -8.49 30.28
CA SER D 27 -13.34 -9.07 29.43
C SER D 27 -12.91 -9.23 27.98
N THR D 28 -11.59 -9.26 27.74
CA THR D 28 -11.03 -9.82 26.51
C THR D 28 -10.00 -10.88 26.92
N PRO D 29 -9.64 -11.80 26.02
CA PRO D 29 -8.59 -12.76 26.38
C PRO D 29 -7.24 -12.09 26.66
N ASP D 30 -6.84 -11.16 25.80
CA ASP D 30 -5.59 -10.42 26.00
C ASP D 30 -5.57 -9.74 27.36
N GLU D 31 -6.72 -9.19 27.76
CA GLU D 31 -6.84 -8.53 29.07
C GLU D 31 -6.66 -9.53 30.21
N LYS D 32 -7.14 -10.75 30.00
CA LYS D 32 -7.05 -11.76 31.05
C LYS D 32 -5.65 -12.38 31.16
N ILE D 33 -5.03 -12.64 30.02
CA ILE D 33 -3.67 -13.13 30.02
C ILE D 33 -2.72 -12.13 30.73
N VAL D 34 -2.89 -10.84 30.46
CA VAL D 34 -2.06 -9.81 31.10
C VAL D 34 -2.22 -9.81 32.61
N LEU D 35 -3.46 -9.93 33.09
CA LEU D 35 -3.67 -9.97 34.54
C LEU D 35 -3.03 -11.19 35.17
N GLU D 36 -3.01 -12.31 34.42
CA GLU D 36 -2.33 -13.52 34.86
C GLU D 36 -0.88 -13.18 35.03
N PHE D 37 -0.34 -12.48 34.03
CA PHE D 37 1.08 -12.17 33.99
C PHE D 37 1.50 -11.27 35.15
N MET D 38 0.61 -10.33 35.51
CA MET D 38 0.79 -9.50 36.69
C MET D 38 0.88 -10.33 37.97
N ASP D 39 0.00 -11.32 38.07
CA ASP D 39 0.05 -12.27 39.20
C ASP D 39 1.36 -13.04 39.28
N ALA D 40 1.85 -13.48 38.13
CA ALA D 40 3.10 -14.25 38.09
C ALA D 40 4.34 -13.43 38.40
N LEU D 41 4.24 -12.10 38.37
CA LEU D 41 5.42 -11.26 38.65
C LEU D 41 6.04 -11.56 40.01
N THR D 42 5.20 -11.88 40.98
CA THR D 42 5.69 -12.13 42.34
C THR D 42 6.51 -13.41 42.44
N SER D 43 6.54 -14.20 41.37
CA SER D 43 7.29 -15.44 41.39
C SER D 43 8.80 -15.19 41.50
N ASN D 44 9.24 -14.01 41.05
CA ASN D 44 10.66 -13.67 40.98
C ASN D 44 11.45 -14.65 40.14
N ASP D 45 10.77 -15.24 39.15
CA ASP D 45 11.27 -16.40 38.42
C ASP D 45 11.20 -16.16 36.92
N ALA D 46 12.33 -15.78 36.32
CA ALA D 46 12.36 -15.46 34.90
C ALA D 46 12.00 -16.66 34.02
N ALA D 47 12.44 -17.85 34.42
CA ALA D 47 12.11 -19.06 33.68
C ALA D 47 10.60 -19.20 33.48
N LYS D 48 9.84 -19.04 34.56
CA LYS D 48 8.38 -19.07 34.50
C LYS D 48 7.80 -17.91 33.67
N LEU D 49 8.26 -16.69 33.96
CA LEU D 49 7.74 -15.50 33.27
C LEU D 49 7.96 -15.47 31.76
N ILE D 50 9.08 -16.03 31.29
CA ILE D 50 9.44 -15.97 29.87
C ILE D 50 8.46 -16.75 28.97
N GLU D 51 7.75 -17.70 29.55
CA GLU D 51 6.75 -18.48 28.82
C GLU D 51 5.63 -17.62 28.23
N TYR D 52 5.38 -16.45 28.84
CA TYR D 52 4.36 -15.51 28.33
C TYR D 52 4.78 -14.76 27.06
N PHE D 53 6.06 -14.84 26.70
CA PHE D 53 6.55 -14.02 25.59
C PHE D 53 6.69 -14.80 24.28
N ALA D 54 6.56 -14.09 23.16
CA ALA D 54 6.83 -14.65 21.84
C ALA D 54 8.30 -14.46 21.52
N GLU D 55 8.83 -15.25 20.58
CA GLU D 55 10.22 -15.08 20.18
C GLU D 55 10.47 -13.66 19.67
N ASP D 56 9.47 -13.12 18.98
CA ASP D 56 9.50 -11.73 18.53
C ASP D 56 8.78 -10.84 19.56
N THR D 57 9.55 -10.24 20.45
CA THR D 57 8.99 -9.54 21.61
C THR D 57 9.93 -8.43 22.07
N MET D 58 9.45 -7.59 22.99
CA MET D 58 10.29 -6.54 23.57
C MET D 58 9.85 -6.20 25.00
N TYR D 59 10.80 -5.76 25.82
CA TYR D 59 10.48 -5.33 27.16
C TYR D 59 11.35 -4.13 27.50
N GLN D 60 10.73 -3.08 28.06
CA GLN D 60 11.44 -1.86 28.35
C GLN D 60 10.87 -1.16 29.55
N ASN D 61 11.73 -0.80 30.50
CA ASN D 61 11.39 0.16 31.53
C ASN D 61 11.79 1.53 30.98
N MET D 62 10.83 2.37 30.67
CA MET D 62 11.09 3.62 29.96
C MET D 62 11.87 4.60 30.81
N PRO D 63 12.85 5.33 30.22
CA PRO D 63 13.35 5.17 28.85
C PRO D 63 14.69 4.43 28.81
N LEU D 64 14.90 3.47 29.72
CA LEU D 64 16.13 2.66 29.71
C LEU D 64 16.18 1.78 28.44
N PRO D 65 17.40 1.37 28.00
CA PRO D 65 17.60 0.57 26.79
C PRO D 65 16.70 -0.64 26.78
N PRO D 66 15.94 -0.84 25.72
CA PRO D 66 14.98 -1.95 25.72
C PRO D 66 15.65 -3.27 25.44
N ALA D 67 14.94 -4.35 25.78
CA ALA D 67 15.36 -5.70 25.46
C ALA D 67 14.50 -6.18 24.32
N TYR D 68 15.13 -6.65 23.24
CA TYR D 68 14.41 -7.19 22.09
C TYR D 68 14.82 -8.64 21.93
N GLY D 69 13.85 -9.51 21.70
CA GLY D 69 14.12 -10.93 21.60
C GLY D 69 13.95 -11.58 22.95
N ARG D 70 13.35 -12.77 22.93
CA ARG D 70 13.06 -13.54 24.13
C ARG D 70 14.28 -13.80 25.02
N ASP D 71 15.44 -14.06 24.42
CA ASP D 71 16.68 -14.26 25.19
C ASP D 71 17.02 -13.01 26.03
N ALA D 72 16.99 -11.85 25.39
CA ALA D 72 17.32 -10.60 26.08
C ALA D 72 16.35 -10.32 27.23
N VAL D 73 15.07 -10.57 26.98
CA VAL D 73 14.05 -10.31 27.99
C VAL D 73 14.32 -11.22 29.18
N GLU D 74 14.59 -12.48 28.89
CA GLU D 74 14.85 -13.44 29.96
C GLU D 74 16.11 -13.06 30.73
N GLN D 75 17.18 -12.73 30.02
CA GLN D 75 18.40 -12.30 30.71
C GLN D 75 18.15 -11.04 31.56
N THR D 76 17.40 -10.08 31.02
CA THR D 76 17.07 -8.87 31.79
C THR D 76 16.27 -9.18 33.07
N LEU D 77 15.20 -9.96 32.93
CA LEU D 77 14.37 -10.32 34.07
C LEU D 77 15.19 -11.12 35.09
N ALA D 78 15.96 -12.10 34.61
CA ALA D 78 16.78 -12.90 35.50
C ALA D 78 17.74 -12.04 36.30
N GLY D 79 18.33 -11.04 35.66
CA GLY D 79 19.24 -10.13 36.32
C GLY D 79 18.55 -9.33 37.41
N PHE D 80 17.33 -8.85 37.13
CA PHE D 80 16.60 -8.04 38.11
C PHE D 80 16.31 -8.82 39.39
N PHE D 81 15.93 -10.07 39.23
CA PHE D 81 15.53 -10.92 40.34
C PHE D 81 16.73 -11.36 41.20
N THR D 82 17.92 -11.05 40.71
CA THR D 82 19.14 -11.27 41.46
C THR D 82 19.31 -10.22 42.54
N VAL D 83 18.73 -9.04 42.32
CA VAL D 83 18.96 -7.88 43.19
C VAL D 83 17.70 -7.30 43.83
N VAL D 84 16.54 -7.66 43.28
CA VAL D 84 15.28 -7.13 43.77
C VAL D 84 14.18 -8.19 43.76
N SER D 85 13.29 -8.13 44.74
CA SER D 85 12.09 -8.96 44.75
C SER D 85 10.82 -8.13 44.47
N VAL D 86 9.98 -8.63 43.57
CA VAL D 86 8.63 -8.11 43.39
C VAL D 86 7.77 -8.63 44.54
N ASP D 87 7.55 -7.82 45.57
CA ASP D 87 6.78 -8.29 46.72
C ASP D 87 5.27 -8.29 46.43
N ALA D 88 4.79 -7.21 45.82
CA ALA D 88 3.37 -7.04 45.56
C ALA D 88 3.12 -6.33 44.24
N VAL D 89 2.00 -6.66 43.61
CA VAL D 89 1.53 -5.95 42.42
C VAL D 89 0.03 -5.70 42.54
N GLU D 90 -0.37 -4.43 42.69
CA GLU D 90 -1.78 -4.05 42.74
C GLU D 90 -2.20 -3.38 41.44
N THR D 91 -3.05 -4.05 40.68
CA THR D 91 -3.56 -3.47 39.46
C THR D 91 -4.88 -2.74 39.71
N PHE D 92 -4.87 -1.43 39.51
CA PHE D 92 -6.06 -0.60 39.71
C PHE D 92 -6.98 -0.62 38.49
N HIS D 93 -6.40 -0.52 37.29
CA HIS D 93 -7.18 -0.48 36.07
C HIS D 93 -6.63 -1.51 35.10
N ILE D 94 -7.51 -2.18 34.37
CA ILE D 94 -7.10 -2.90 33.19
C ILE D 94 -7.99 -2.46 32.04
N GLY D 95 -7.43 -2.35 30.83
CA GLY D 95 -8.23 -1.98 29.68
C GLY D 95 -7.49 -2.26 28.40
N SER D 96 -8.13 -2.06 27.25
CA SER D 96 -7.46 -2.42 26.00
C SER D 96 -8.03 -1.70 24.81
N SER D 97 -7.24 -1.59 23.75
CA SER D 97 -7.66 -0.83 22.58
C SER D 97 -6.68 -0.94 21.43
N ASN D 98 -7.19 -1.21 20.24
CA ASN D 98 -6.39 -1.26 19.01
C ASN D 98 -5.20 -2.21 19.14
N GLY D 99 -5.44 -3.33 19.81
CA GLY D 99 -4.43 -4.36 19.96
C GLY D 99 -3.55 -4.17 21.17
N LEU D 100 -3.66 -3.02 21.84
CA LEU D 100 -2.86 -2.78 23.04
C LEU D 100 -3.68 -2.97 24.32
N VAL D 101 -3.02 -3.45 25.38
CA VAL D 101 -3.63 -3.58 26.70
C VAL D 101 -2.90 -2.68 27.67
N TYR D 102 -3.64 -2.04 28.58
CA TYR D 102 -3.11 -1.06 29.52
C TYR D 102 -3.35 -1.51 30.95
N THR D 103 -2.35 -1.30 31.82
CA THR D 103 -2.48 -1.58 33.27
C THR D 103 -1.94 -0.43 34.12
N GLU D 104 -2.82 0.22 34.87
CA GLU D 104 -2.40 1.26 35.79
C GLU D 104 -2.36 0.60 37.16
N ARG D 105 -1.22 0.71 37.83
CA ARG D 105 -0.96 -0.14 38.98
C ARG D 105 0.15 0.40 39.87
N VAL D 106 0.40 -0.33 40.95
CA VAL D 106 1.56 -0.09 41.81
C VAL D 106 2.29 -1.41 42.00
N ASP D 107 3.63 -1.37 41.89
CA ASP D 107 4.47 -2.53 42.18
C ASP D 107 5.29 -2.23 43.41
N VAL D 108 5.30 -3.14 44.38
CA VAL D 108 6.20 -3.00 45.52
C VAL D 108 7.46 -3.84 45.32
N LEU D 109 8.61 -3.19 45.42
CA LEU D 109 9.88 -3.82 45.12
C LEU D 109 10.76 -3.76 46.35
N ARG D 110 11.44 -4.86 46.64
CA ARG D 110 12.37 -4.90 47.75
C ARG D 110 13.78 -5.23 47.28
N ALA D 111 14.73 -4.40 47.69
CA ALA D 111 16.12 -4.60 47.34
C ALA D 111 16.67 -5.70 48.23
N LEU D 112 17.12 -6.78 47.60
CA LEU D 112 17.70 -7.90 48.35
C LEU D 112 18.89 -7.50 49.21
N PRO D 113 19.80 -6.67 48.68
CA PRO D 113 20.95 -6.42 49.57
C PRO D 113 20.69 -5.50 50.76
N THR D 114 19.59 -4.74 50.73
CA THR D 114 19.37 -3.79 51.80
C THR D 114 18.11 -4.07 52.59
N GLY D 115 17.15 -4.72 51.94
CA GLY D 115 15.86 -4.91 52.54
C GLY D 115 14.98 -3.67 52.49
N LYS D 116 15.43 -2.62 51.81
CA LYS D 116 14.58 -1.45 51.64
C LYS D 116 13.50 -1.72 50.61
N SER D 117 12.28 -1.27 50.89
CA SER D 117 11.18 -1.46 49.94
C SER D 117 10.78 -0.14 49.28
N TYR D 118 10.09 -0.25 48.14
CA TYR D 118 9.83 0.89 47.28
C TYR D 118 8.49 0.69 46.59
N ASN D 119 7.63 1.70 46.61
CA ASN D 119 6.40 1.63 45.86
C ASN D 119 6.63 2.44 44.59
N PHE D 120 6.23 1.87 43.46
CA PHE D 120 6.38 2.54 42.17
C PHE D 120 5.04 2.61 41.50
N SER D 121 4.56 3.83 41.23
CA SER D 121 3.29 3.96 40.54
C SER D 121 3.56 3.80 39.07
N ILE D 122 2.82 2.90 38.44
CA ILE D 122 3.15 2.47 37.08
C ILE D 122 1.95 2.46 36.15
N LEU D 123 2.19 2.83 34.90
CA LEU D 123 1.23 2.64 33.84
C LEU D 123 1.94 1.84 32.75
N GLY D 124 1.50 0.62 32.51
CA GLY D 124 2.15 -0.24 31.54
C GLY D 124 1.30 -0.53 30.31
N VAL D 125 1.97 -0.74 29.19
CA VAL D 125 1.30 -1.10 27.95
C VAL D 125 1.87 -2.45 27.44
N PHE D 126 0.98 -3.32 26.98
CA PHE D 126 1.35 -4.64 26.52
C PHE D 126 0.72 -4.85 25.17
N GLN D 127 1.52 -5.35 24.21
CA GLN D 127 0.97 -5.82 22.95
C GLN D 127 1.10 -7.32 22.85
N LEU D 128 -0.01 -7.98 22.52
CA LEU D 128 -0.07 -9.45 22.44
C LEU D 128 -0.32 -9.89 21.00
N THR D 129 0.27 -11.00 20.60
CA THR D 129 -0.04 -11.62 19.31
C THR D 129 -0.27 -13.11 19.51
N GLU D 130 -1.44 -13.59 19.09
CA GLU D 130 -1.87 -14.97 19.34
C GLU D 130 -1.65 -15.39 20.80
N GLY D 131 -1.92 -14.48 21.74
CA GLY D 131 -1.92 -14.80 23.16
C GLY D 131 -0.58 -14.63 23.87
N LYS D 132 0.44 -14.21 23.14
CA LYS D 132 1.77 -14.07 23.75
C LYS D 132 2.28 -12.62 23.65
N ILE D 133 2.99 -12.18 24.69
CA ILE D 133 3.54 -10.83 24.74
C ILE D 133 4.55 -10.53 23.60
N THR D 134 4.20 -9.57 22.75
CA THR D 134 5.18 -9.11 21.76
C THR D 134 5.73 -7.74 22.10
N GLY D 135 5.19 -7.15 23.16
CA GLY D 135 5.70 -5.90 23.70
C GLY D 135 5.21 -5.58 25.11
N TRP D 136 6.09 -5.02 25.92
CA TRP D 136 5.75 -4.65 27.28
C TRP D 136 6.63 -3.45 27.65
N ARG D 137 6.00 -2.30 27.83
CA ARG D 137 6.70 -1.09 28.22
C ARG D 137 6.06 -0.54 29.49
N ASP D 138 6.84 -0.38 30.56
CA ASP D 138 6.35 0.23 31.79
C ASP D 138 6.80 1.69 31.93
N TYR D 139 5.89 2.56 32.33
CA TYR D 139 6.23 3.97 32.56
C TYR D 139 6.11 4.32 34.02
N PHE D 140 7.20 4.79 34.61
CA PHE D 140 7.17 5.21 36.00
C PHE D 140 8.37 6.10 36.30
N ASP D 141 8.41 6.63 37.50
CA ASP D 141 9.54 7.44 37.93
C ASP D 141 10.75 6.56 38.29
N LEU D 142 11.88 6.76 37.61
CA LEU D 142 13.06 5.98 37.90
C LEU D 142 14.01 6.63 38.91
N ARG D 143 13.58 7.67 39.59
CA ARG D 143 14.47 8.34 40.55
C ARG D 143 14.97 7.39 41.65
N GLU D 144 14.09 6.52 42.13
CA GLU D 144 14.37 5.57 43.21
C GLU D 144 14.75 4.21 42.67
N PHE D 145 14.66 4.05 41.35
CA PHE D 145 14.86 2.76 40.71
C PHE D 145 16.35 2.44 40.66
N GLU D 146 17.16 3.49 40.49
CA GLU D 146 18.60 3.37 40.52
C GLU D 146 19.03 2.72 41.82
N GLU D 147 18.56 3.30 42.93
CA GLU D 147 18.83 2.83 44.27
C GLU D 147 18.14 1.48 44.59
N ALA D 148 16.94 1.26 44.06
CA ALA D 148 16.21 0.04 44.33
C ALA D 148 16.87 -1.17 43.66
N VAL D 149 17.35 -0.95 42.45
CA VAL D 149 17.96 -2.01 41.65
C VAL D 149 19.48 -1.82 41.64
N ASP D 150 20.19 -2.73 42.29
CA ASP D 150 21.63 -2.61 42.38
C ASP D 150 22.30 -3.14 41.12
N LEU D 151 21.93 -2.53 39.98
CA LEU D 151 22.55 -2.78 38.69
C LEU D 151 22.60 -1.44 37.95
N PRO D 152 23.62 -1.25 37.11
CA PRO D 152 23.69 -0.03 36.28
C PRO D 152 22.51 0.08 35.31
N LEU D 153 21.91 1.26 35.19
CA LEU D 153 20.67 1.40 34.41
C LEU D 153 20.88 1.38 32.89
N ARG D 154 22.04 1.86 32.46
CA ARG D 154 22.40 2.00 31.03
C ARG D 154 21.73 3.22 30.41
N GLY D 155 21.07 4.01 31.23
CA GLY D 155 20.41 5.23 30.77
C GLY D 155 19.78 5.94 31.94
N ILE E 11 -24.27 -0.78 -4.79
CA ILE E 11 -24.14 -0.62 -3.33
C ILE E 11 -23.18 0.52 -2.97
N GLU E 12 -23.73 1.63 -2.50
CA GLU E 12 -22.92 2.77 -2.10
C GLU E 12 -22.95 2.98 -0.60
N GLN E 13 -21.99 3.76 -0.10
CA GLN E 13 -21.92 4.14 1.30
C GLN E 13 -23.18 4.91 1.68
N PRO E 14 -23.92 4.40 2.68
CA PRO E 14 -25.03 5.19 3.21
C PRO E 14 -24.51 6.50 3.79
N ARG E 15 -25.41 7.46 4.00
CA ARG E 15 -25.01 8.75 4.52
C ARG E 15 -24.41 8.57 5.92
N TRP E 16 -24.94 7.59 6.66
CA TRP E 16 -24.56 7.35 8.05
C TRP E 16 -23.28 6.54 8.29
N ALA E 17 -22.49 6.35 7.22
CA ALA E 17 -21.27 5.57 7.31
C ALA E 17 -20.11 6.37 7.92
N SER E 18 -19.84 6.15 9.20
CA SER E 18 -18.76 6.82 9.90
C SER E 18 -17.39 6.35 9.39
N LYS E 19 -16.48 7.29 9.15
CA LYS E 19 -15.11 6.91 8.79
C LYS E 19 -14.36 6.36 10.01
N ASP E 20 -14.83 6.73 11.20
CA ASP E 20 -14.23 6.22 12.44
C ASP E 20 -14.22 4.70 12.51
N SER E 21 -15.27 4.11 11.91
CA SER E 21 -15.51 2.68 12.02
C SER E 21 -15.44 1.94 10.68
N ALA E 22 -14.84 2.57 9.67
CA ALA E 22 -14.71 1.98 8.34
C ALA E 22 -13.86 0.70 8.29
N ALA E 23 -14.09 -0.12 7.27
CA ALA E 23 -13.38 -1.39 7.09
C ALA E 23 -11.86 -1.23 7.01
N GLY E 24 -11.40 -0.27 6.22
CA GLY E 24 -9.96 -0.04 6.10
C GLY E 24 -9.30 0.45 7.38
N ALA E 25 -10.10 0.78 8.38
CA ALA E 25 -9.58 1.22 9.66
C ALA E 25 -9.59 0.10 10.70
N ALA E 26 -9.80 -1.14 10.25
CA ALA E 26 -9.76 -2.29 11.15
C ALA E 26 -8.42 -2.30 11.89
N SER E 27 -8.44 -2.46 13.21
CA SER E 27 -7.25 -2.16 14.00
C SER E 27 -6.99 -3.11 15.16
N THR E 28 -7.60 -4.28 15.10
CA THR E 28 -7.24 -5.38 15.98
C THR E 28 -7.07 -6.64 15.11
N PRO E 29 -6.40 -7.67 15.66
CA PRO E 29 -6.29 -8.91 14.87
C PRO E 29 -7.66 -9.56 14.62
N ASP E 30 -8.54 -9.53 15.60
CA ASP E 30 -9.90 -10.07 15.41
C ASP E 30 -10.64 -9.40 14.26
N GLU E 31 -10.64 -8.07 14.24
CA GLU E 31 -11.30 -7.30 13.18
C GLU E 31 -10.76 -7.69 11.80
N LYS E 32 -9.44 -7.78 11.69
CA LYS E 32 -8.81 -8.06 10.39
C LYS E 32 -9.16 -9.46 9.90
N ILE E 33 -9.26 -10.42 10.83
CA ILE E 33 -9.67 -11.80 10.49
C ILE E 33 -11.10 -11.82 9.93
N VAL E 34 -12.01 -11.17 10.66
CA VAL E 34 -13.43 -11.15 10.30
C VAL E 34 -13.64 -10.43 8.97
N LEU E 35 -12.82 -9.44 8.70
CA LEU E 35 -12.85 -8.72 7.42
C LEU E 35 -12.36 -9.60 6.26
N GLU E 36 -11.28 -10.33 6.46
CA GLU E 36 -10.82 -11.28 5.43
C GLU E 36 -11.89 -12.36 5.22
N PHE E 37 -12.54 -12.76 6.31
CA PHE E 37 -13.64 -13.70 6.20
C PHE E 37 -14.74 -13.13 5.30
N MET E 38 -15.10 -11.88 5.54
CA MET E 38 -16.10 -11.19 4.74
C MET E 38 -15.74 -11.27 3.27
N ASP E 39 -14.55 -10.80 2.92
CA ASP E 39 -14.12 -10.79 1.53
C ASP E 39 -14.19 -12.19 0.89
N ALA E 40 -13.85 -13.22 1.67
CA ALA E 40 -13.87 -14.58 1.16
C ALA E 40 -15.29 -15.14 0.96
N LEU E 41 -16.30 -14.43 1.43
CA LEU E 41 -17.69 -14.86 1.20
C LEU E 41 -18.03 -14.95 -0.29
N THR E 42 -17.41 -14.09 -1.09
CA THR E 42 -17.66 -14.05 -2.53
C THR E 42 -17.18 -15.32 -3.24
N SER E 43 -16.31 -16.09 -2.59
CA SER E 43 -15.71 -17.27 -3.19
C SER E 43 -16.78 -18.29 -3.57
N ASN E 44 -17.70 -18.54 -2.63
CA ASN E 44 -18.74 -19.57 -2.76
C ASN E 44 -18.16 -20.98 -2.58
N ASP E 45 -17.23 -21.10 -1.64
CA ASP E 45 -16.49 -22.33 -1.42
C ASP E 45 -16.52 -22.71 0.04
N ALA E 46 -17.49 -23.52 0.44
CA ALA E 46 -17.64 -23.94 1.85
C ALA E 46 -16.37 -24.51 2.49
N ALA E 47 -15.58 -25.25 1.70
CA ALA E 47 -14.33 -25.83 2.19
C ALA E 47 -13.25 -24.78 2.41
N LYS E 48 -13.24 -23.75 1.58
CA LYS E 48 -12.35 -22.60 1.77
C LYS E 48 -12.77 -21.79 2.99
N LEU E 49 -14.07 -21.74 3.25
CA LEU E 49 -14.58 -20.92 4.33
C LEU E 49 -14.49 -21.56 5.71
N ILE E 50 -14.69 -22.88 5.75
CA ILE E 50 -14.76 -23.57 7.05
C ILE E 50 -13.43 -23.48 7.80
N GLU E 51 -12.35 -23.21 7.07
CA GLU E 51 -11.03 -23.00 7.65
C GLU E 51 -10.98 -21.89 8.71
N TYR E 52 -11.94 -20.97 8.67
CA TYR E 52 -12.01 -19.86 9.63
C TYR E 52 -12.73 -20.28 10.93
N PHE E 53 -13.33 -21.46 10.90
CA PHE E 53 -14.19 -21.93 12.00
C PHE E 53 -13.46 -22.85 12.97
N ALA E 54 -13.68 -22.61 14.25
CA ALA E 54 -13.21 -23.52 15.29
C ALA E 54 -14.06 -24.77 15.24
N GLU E 55 -13.61 -25.84 15.90
CA GLU E 55 -14.39 -27.07 15.98
C GLU E 55 -15.70 -26.78 16.67
N ASP E 56 -15.60 -26.43 17.95
CA ASP E 56 -16.71 -25.83 18.67
C ASP E 56 -17.05 -24.51 18.02
N THR E 57 -18.05 -24.51 17.16
CA THR E 57 -18.53 -23.28 16.54
C THR E 57 -20.01 -23.41 16.20
N MET E 58 -20.68 -22.27 16.12
CA MET E 58 -22.08 -22.26 15.72
C MET E 58 -22.31 -21.13 14.70
N TYR E 59 -23.37 -21.26 13.93
CA TYR E 59 -23.70 -20.30 12.88
C TYR E 59 -25.21 -20.20 12.74
N GLN E 60 -25.72 -18.98 12.59
CA GLN E 60 -27.16 -18.79 12.53
C GLN E 60 -27.59 -17.55 11.76
N ASN E 61 -28.50 -17.74 10.82
CA ASN E 61 -29.20 -16.61 10.23
C ASN E 61 -30.44 -16.37 11.08
N MET E 62 -30.36 -15.36 11.96
CA MET E 62 -31.43 -15.05 12.92
C MET E 62 -32.79 -14.87 12.26
N PRO E 63 -33.81 -15.63 12.71
CA PRO E 63 -33.73 -16.65 13.76
C PRO E 63 -33.80 -18.09 13.22
N LEU E 64 -33.50 -18.31 11.95
CA LEU E 64 -33.51 -19.67 11.38
C LEU E 64 -32.60 -20.57 12.21
N PRO E 65 -32.97 -21.85 12.40
CA PRO E 65 -32.20 -22.75 13.27
C PRO E 65 -30.71 -22.77 12.96
N PRO E 66 -29.87 -22.86 14.01
CA PRO E 66 -28.42 -22.83 13.88
C PRO E 66 -27.73 -24.18 13.66
N ALA E 67 -26.68 -24.17 12.85
CA ALA E 67 -25.77 -25.31 12.76
C ALA E 67 -24.87 -25.29 14.00
N TYR E 68 -24.75 -26.43 14.65
CA TYR E 68 -23.94 -26.53 15.86
C TYR E 68 -22.81 -27.52 15.65
N GLY E 69 -21.58 -27.04 15.80
CA GLY E 69 -20.42 -27.85 15.54
C GLY E 69 -19.91 -27.61 14.13
N ARG E 70 -18.59 -27.61 13.97
CA ARG E 70 -17.93 -27.27 12.71
C ARG E 70 -18.44 -28.05 11.51
N ASP E 71 -18.66 -29.35 11.70
CA ASP E 71 -19.13 -30.22 10.62
C ASP E 71 -20.45 -29.76 10.02
N ALA E 72 -21.38 -29.36 10.87
CA ALA E 72 -22.71 -28.90 10.43
C ALA E 72 -22.66 -27.56 9.70
N VAL E 73 -21.81 -26.65 10.17
CA VAL E 73 -21.64 -25.35 9.54
C VAL E 73 -21.23 -25.46 8.08
N GLU E 74 -20.19 -26.27 7.81
CA GLU E 74 -19.70 -26.45 6.45
C GLU E 74 -20.77 -27.02 5.51
N GLN E 75 -21.64 -27.86 6.08
CA GLN E 75 -22.74 -28.44 5.32
C GLN E 75 -23.70 -27.35 4.82
N THR E 76 -24.27 -26.61 5.76
CA THR E 76 -25.20 -25.51 5.46
C THR E 76 -24.64 -24.57 4.39
N LEU E 77 -23.38 -24.16 4.56
CA LEU E 77 -22.73 -23.29 3.59
C LEU E 77 -22.70 -23.97 2.24
N ALA E 78 -22.19 -25.19 2.22
CA ALA E 78 -22.09 -26.00 1.02
C ALA E 78 -23.45 -26.17 0.34
N GLY E 79 -24.47 -26.42 1.15
CA GLY E 79 -25.83 -26.49 0.66
C GLY E 79 -26.29 -25.16 0.08
N PHE E 80 -25.86 -24.07 0.69
CA PHE E 80 -26.33 -22.77 0.24
C PHE E 80 -25.62 -22.32 -1.05
N PHE E 81 -24.37 -22.73 -1.22
CA PHE E 81 -23.65 -22.42 -2.46
C PHE E 81 -24.14 -23.31 -3.60
N THR E 82 -25.02 -24.25 -3.26
CA THR E 82 -25.67 -25.12 -4.24
C THR E 82 -26.87 -24.39 -4.87
N VAL E 83 -27.33 -23.34 -4.20
CA VAL E 83 -28.50 -22.59 -4.67
C VAL E 83 -28.23 -21.10 -4.95
N VAL E 84 -27.24 -20.52 -4.30
CA VAL E 84 -26.98 -19.08 -4.45
C VAL E 84 -25.49 -18.70 -4.46
N SER E 85 -25.16 -17.70 -5.27
CA SER E 85 -23.84 -17.08 -5.23
C SER E 85 -23.87 -15.79 -4.42
N VAL E 86 -22.87 -15.60 -3.56
CA VAL E 86 -22.65 -14.29 -2.97
C VAL E 86 -21.82 -13.49 -3.94
N ASP E 87 -22.47 -12.56 -4.64
CA ASP E 87 -21.79 -11.77 -5.67
C ASP E 87 -20.96 -10.64 -5.07
N ALA E 88 -21.35 -10.18 -3.88
CA ALA E 88 -20.69 -9.03 -3.26
C ALA E 88 -20.97 -8.89 -1.76
N VAL E 89 -19.94 -8.49 -1.01
CA VAL E 89 -20.11 -8.03 0.36
C VAL E 89 -19.47 -6.67 0.52
N GLU E 90 -20.26 -5.71 1.01
CA GLU E 90 -19.80 -4.35 1.22
C GLU E 90 -19.81 -4.03 2.69
N THR E 91 -18.64 -4.09 3.33
CA THR E 91 -18.59 -3.85 4.76
C THR E 91 -18.42 -2.36 5.08
N PHE E 92 -19.49 -1.77 5.61
CA PHE E 92 -19.53 -0.36 5.97
C PHE E 92 -18.78 -0.08 7.28
N HIS E 93 -19.19 -0.75 8.34
CA HIS E 93 -18.55 -0.60 9.63
C HIS E 93 -17.97 -1.91 10.10
N ILE E 94 -16.78 -1.85 10.70
CA ILE E 94 -16.28 -2.97 11.47
C ILE E 94 -15.76 -2.43 12.80
N GLY E 95 -16.09 -3.14 13.89
CA GLY E 95 -15.65 -2.78 15.22
C GLY E 95 -15.62 -3.99 16.13
N SER E 96 -15.17 -3.82 17.36
CA SER E 96 -15.14 -4.94 18.31
C SER E 96 -15.29 -4.46 19.73
N SER E 97 -15.89 -5.29 20.58
CA SER E 97 -16.01 -5.00 22.00
C SER E 97 -16.20 -6.27 22.83
N ASN E 98 -15.39 -6.37 23.89
CA ASN E 98 -15.52 -7.46 24.86
C ASN E 98 -15.46 -8.86 24.27
N GLY E 99 -14.58 -9.04 23.29
CA GLY E 99 -14.38 -10.33 22.68
C GLY E 99 -15.35 -10.65 21.56
N LEU E 100 -16.10 -9.65 21.10
CA LEU E 100 -17.03 -9.83 19.97
C LEU E 100 -16.78 -8.84 18.87
N VAL E 101 -16.75 -9.32 17.64
CA VAL E 101 -16.59 -8.47 16.47
C VAL E 101 -17.93 -8.17 15.81
N TYR E 102 -18.05 -6.96 15.26
CA TYR E 102 -19.27 -6.53 14.58
C TYR E 102 -19.00 -5.98 13.18
N THR E 103 -19.81 -6.41 12.21
CA THR E 103 -19.74 -5.93 10.83
C THR E 103 -21.10 -5.39 10.39
N GLU E 104 -21.14 -4.12 10.01
CA GLU E 104 -22.34 -3.52 9.44
C GLU E 104 -22.12 -3.47 7.92
N ARG E 105 -22.96 -4.18 7.18
CA ARG E 105 -22.65 -4.40 5.77
C ARG E 105 -23.87 -4.66 4.87
N VAL E 106 -23.63 -4.74 3.56
CA VAL E 106 -24.63 -5.25 2.63
C VAL E 106 -24.12 -6.46 1.84
N ASP E 107 -24.86 -7.55 1.93
CA ASP E 107 -24.60 -8.76 1.16
C ASP E 107 -25.51 -8.81 -0.08
N VAL E 108 -24.92 -9.07 -1.25
CA VAL E 108 -25.69 -9.19 -2.48
C VAL E 108 -25.74 -10.63 -2.98
N LEU E 109 -26.86 -11.27 -2.67
CA LEU E 109 -27.08 -12.67 -3.00
C LEU E 109 -27.82 -12.79 -4.34
N ARG E 110 -27.39 -13.76 -5.16
CA ARG E 110 -28.03 -14.04 -6.44
C ARG E 110 -28.47 -15.50 -6.51
N ALA E 111 -29.77 -15.72 -6.68
CA ALA E 111 -30.29 -17.08 -6.79
C ALA E 111 -29.90 -17.68 -8.14
N LEU E 112 -29.23 -18.83 -8.12
CA LEU E 112 -28.71 -19.45 -9.35
C LEU E 112 -29.79 -19.92 -10.36
N PRO E 113 -30.78 -20.73 -9.91
CA PRO E 113 -31.79 -21.19 -10.85
C PRO E 113 -32.52 -20.07 -11.60
N THR E 114 -32.62 -18.89 -10.99
CA THR E 114 -33.40 -17.77 -11.55
C THR E 114 -32.53 -16.60 -12.04
N GLY E 115 -31.49 -16.28 -11.27
CA GLY E 115 -30.58 -15.21 -11.64
C GLY E 115 -30.92 -13.85 -11.03
N LYS E 116 -32.03 -13.80 -10.30
CA LYS E 116 -32.45 -12.56 -9.64
C LYS E 116 -31.48 -12.19 -8.51
N SER E 117 -31.09 -10.92 -8.45
CA SER E 117 -30.18 -10.47 -7.39
C SER E 117 -30.92 -9.80 -6.23
N TYR E 118 -30.42 -10.02 -5.01
CA TYR E 118 -31.05 -9.50 -3.81
C TYR E 118 -30.10 -8.66 -2.96
N ASN E 119 -30.60 -7.57 -2.41
CA ASN E 119 -29.83 -6.79 -1.44
C ASN E 119 -30.24 -7.10 0.01
N PHE E 120 -29.25 -7.45 0.84
CA PHE E 120 -29.49 -7.76 2.25
C PHE E 120 -28.65 -6.87 3.19
N SER E 121 -29.30 -5.89 3.82
CA SER E 121 -28.62 -5.04 4.80
C SER E 121 -28.45 -5.84 6.08
N ILE E 122 -27.21 -6.05 6.48
CA ILE E 122 -26.92 -6.97 7.57
C ILE E 122 -26.04 -6.31 8.63
N LEU E 123 -26.37 -6.57 9.89
CA LEU E 123 -25.46 -6.31 11.00
C LEU E 123 -25.04 -7.66 11.59
N GLY E 124 -23.75 -7.98 11.47
CA GLY E 124 -23.25 -9.27 11.93
C GLY E 124 -22.43 -9.20 13.20
N VAL E 125 -22.58 -10.23 14.04
CA VAL E 125 -21.78 -10.40 15.26
C VAL E 125 -20.96 -11.71 15.24
N PHE E 126 -19.67 -11.59 15.51
CA PHE E 126 -18.77 -12.74 15.47
C PHE E 126 -18.07 -12.89 16.83
N GLN E 127 -17.83 -14.13 17.23
CA GLN E 127 -17.00 -14.38 18.38
C GLN E 127 -15.85 -15.26 17.97
N LEU E 128 -14.63 -14.81 18.26
CA LEU E 128 -13.45 -15.59 17.94
C LEU E 128 -12.80 -16.14 19.20
N THR E 129 -12.23 -17.34 19.08
CA THR E 129 -11.31 -17.86 20.09
C THR E 129 -10.04 -18.25 19.34
N GLU E 130 -8.94 -17.61 19.70
CA GLU E 130 -7.65 -17.89 19.08
C GLU E 130 -7.72 -17.81 17.56
N GLY E 131 -8.26 -16.71 17.05
CA GLY E 131 -8.32 -16.48 15.61
C GLY E 131 -9.33 -17.34 14.86
N LYS E 132 -10.09 -18.13 15.60
CA LYS E 132 -11.05 -19.08 15.01
C LYS E 132 -12.46 -18.70 15.40
N ILE E 133 -13.38 -18.77 14.44
CA ILE E 133 -14.77 -18.42 14.73
C ILE E 133 -15.44 -19.49 15.59
N THR E 134 -16.09 -19.05 16.65
CA THR E 134 -16.82 -19.94 17.53
C THR E 134 -18.31 -19.54 17.55
N GLY E 135 -18.60 -18.39 16.95
CA GLY E 135 -19.97 -17.91 16.82
C GLY E 135 -20.14 -16.85 15.75
N TRP E 136 -21.13 -17.06 14.87
CA TRP E 136 -21.40 -16.13 13.78
C TRP E 136 -22.90 -15.97 13.61
N ARG E 137 -23.44 -14.86 14.09
CA ARG E 137 -24.87 -14.58 13.98
C ARG E 137 -25.14 -13.36 13.12
N ASP E 138 -25.82 -13.56 12.00
CA ASP E 138 -26.16 -12.46 11.12
C ASP E 138 -27.61 -12.05 11.36
N TYR E 139 -27.81 -10.76 11.65
CA TYR E 139 -29.15 -10.23 11.78
C TYR E 139 -29.51 -9.44 10.53
N PHE E 140 -30.61 -9.84 9.90
CA PHE E 140 -31.13 -9.11 8.74
C PHE E 140 -32.57 -9.49 8.41
N ASP E 141 -33.17 -8.77 7.46
CA ASP E 141 -34.54 -9.03 7.04
C ASP E 141 -34.60 -10.32 6.22
N LEU E 142 -35.22 -11.36 6.79
CA LEU E 142 -35.37 -12.66 6.13
C LEU E 142 -36.63 -12.77 5.29
N ARG E 143 -37.20 -11.62 4.93
CA ARG E 143 -38.45 -11.63 4.18
C ARG E 143 -38.21 -12.25 2.82
N GLU E 144 -37.29 -11.65 2.07
CA GLU E 144 -36.93 -12.14 0.74
C GLU E 144 -35.87 -13.23 0.77
N PHE E 145 -35.60 -13.77 1.95
CA PHE E 145 -34.55 -14.78 2.08
C PHE E 145 -35.04 -16.11 1.54
N GLU E 146 -36.30 -16.44 1.84
CA GLU E 146 -36.93 -17.70 1.42
C GLU E 146 -36.69 -17.98 -0.05
N GLU E 147 -37.01 -16.99 -0.88
CA GLU E 147 -36.94 -17.16 -2.33
C GLU E 147 -35.55 -16.95 -2.92
N ALA E 148 -34.71 -16.18 -2.23
CA ALA E 148 -33.32 -16.04 -2.63
C ALA E 148 -32.56 -17.36 -2.39
N VAL E 149 -32.90 -18.02 -1.28
CA VAL E 149 -32.32 -19.32 -0.95
C VAL E 149 -33.37 -20.40 -1.15
N ASP E 150 -33.52 -20.82 -2.41
CA ASP E 150 -34.57 -21.75 -2.85
C ASP E 150 -34.65 -23.00 -1.96
N ILE F 11 1.06 0.42 -47.70
CA ILE F 11 -0.37 0.28 -47.93
C ILE F 11 -1.11 1.50 -47.39
N GLU F 12 -0.44 2.29 -46.56
CA GLU F 12 -1.11 3.42 -45.91
C GLU F 12 -0.21 4.70 -45.83
N GLN F 13 0.41 5.15 -44.71
CA GLN F 13 0.22 4.78 -43.31
C GLN F 13 -0.99 5.54 -42.78
N PRO F 14 -1.60 5.06 -41.68
CA PRO F 14 -2.77 5.79 -41.16
C PRO F 14 -2.39 7.15 -40.57
N ARG F 15 -3.40 7.98 -40.32
CA ARG F 15 -3.20 9.28 -39.69
C ARG F 15 -2.46 9.14 -38.36
N TRP F 16 -2.97 8.27 -37.51
CA TRP F 16 -2.45 8.08 -36.16
C TRP F 16 -1.13 7.32 -36.07
N ALA F 17 -0.45 7.16 -37.19
CA ALA F 17 0.84 6.48 -37.15
C ALA F 17 1.88 7.41 -36.54
N SER F 18 2.56 6.94 -35.50
CA SER F 18 3.60 7.72 -34.84
C SER F 18 4.98 7.29 -35.29
N LYS F 19 5.75 8.23 -35.83
CA LYS F 19 7.09 7.93 -36.33
C LYS F 19 8.03 7.42 -35.22
N ASP F 20 7.73 7.80 -33.98
CA ASP F 20 8.54 7.40 -32.85
C ASP F 20 8.58 5.87 -32.64
N SER F 21 7.52 5.18 -33.04
CA SER F 21 7.44 3.73 -32.88
C SER F 21 7.31 3.00 -34.22
N ALA F 22 7.91 3.56 -35.27
CA ALA F 22 7.77 2.98 -36.60
C ALA F 22 8.55 1.68 -36.68
N ALA F 23 8.20 0.87 -37.67
CA ALA F 23 8.90 -0.38 -37.95
C ALA F 23 10.42 -0.20 -38.06
N GLY F 24 10.85 0.80 -38.82
CA GLY F 24 12.27 1.06 -39.02
C GLY F 24 13.04 1.43 -37.77
N ALA F 25 12.32 1.77 -36.70
CA ALA F 25 12.94 2.28 -35.48
C ALA F 25 13.15 1.19 -34.42
N ALA F 26 12.77 -0.04 -34.75
CA ALA F 26 13.02 -1.20 -33.91
C ALA F 26 14.45 -1.12 -33.34
N SER F 27 14.58 -1.35 -32.03
CA SER F 27 15.80 -1.00 -31.30
C SER F 27 16.15 -1.99 -30.20
N THR F 28 15.50 -3.15 -30.20
CA THR F 28 15.88 -4.25 -29.31
C THR F 28 15.89 -5.55 -30.12
N PRO F 29 16.72 -6.53 -29.69
CA PRO F 29 16.80 -7.81 -30.40
C PRO F 29 15.43 -8.49 -30.58
N ASP F 30 14.58 -8.48 -29.56
CA ASP F 30 13.23 -9.05 -29.71
C ASP F 30 12.40 -8.32 -30.77
N GLU F 31 12.50 -7.00 -30.82
CA GLU F 31 11.73 -6.20 -31.75
C GLU F 31 12.17 -6.51 -33.17
N LYS F 32 13.46 -6.67 -33.36
CA LYS F 32 13.98 -6.99 -34.66
C LYS F 32 13.56 -8.39 -35.14
N ILE F 33 13.58 -9.36 -34.24
CA ILE F 33 13.21 -10.72 -34.60
C ILE F 33 11.74 -10.76 -35.05
N VAL F 34 10.88 -10.09 -34.29
CA VAL F 34 9.46 -10.07 -34.60
C VAL F 34 9.22 -9.42 -35.97
N LEU F 35 9.96 -8.38 -36.29
CA LEU F 35 9.81 -7.75 -37.58
C LEU F 35 10.18 -8.72 -38.67
N GLU F 36 11.19 -9.54 -38.40
CA GLU F 36 11.67 -10.53 -39.34
C GLU F 36 10.55 -11.52 -39.64
N PHE F 37 9.92 -11.97 -38.57
CA PHE F 37 8.84 -12.92 -38.69
C PHE F 37 7.72 -12.30 -39.53
N MET F 38 7.43 -11.03 -39.26
CA MET F 38 6.42 -10.31 -40.01
C MET F 38 6.72 -10.31 -41.51
N ASP F 39 7.98 -10.05 -41.86
CA ASP F 39 8.35 -10.01 -43.28
C ASP F 39 8.32 -11.39 -43.93
N ALA F 40 8.38 -12.43 -43.11
CA ALA F 40 8.44 -13.79 -43.64
C ALA F 40 7.04 -14.33 -43.89
N LEU F 41 6.04 -13.66 -43.33
CA LEU F 41 4.65 -14.08 -43.51
C LEU F 41 4.24 -14.19 -44.97
N THR F 42 4.86 -13.38 -45.83
CA THR F 42 4.50 -13.35 -47.24
C THR F 42 4.91 -14.61 -47.99
N SER F 43 5.74 -15.44 -47.34
CA SER F 43 6.27 -16.64 -47.97
C SER F 43 5.21 -17.74 -48.07
N ASN F 44 4.18 -17.64 -47.23
CA ASN F 44 3.17 -18.69 -47.08
C ASN F 44 3.79 -20.06 -46.84
N ASP F 45 4.94 -20.07 -46.16
CA ASP F 45 5.73 -21.27 -45.99
C ASP F 45 5.78 -21.67 -44.51
N ALA F 46 4.88 -22.56 -44.11
CA ALA F 46 4.76 -22.96 -42.71
C ALA F 46 6.06 -23.50 -42.11
N ALA F 47 6.87 -24.17 -42.93
CA ALA F 47 8.10 -24.78 -42.45
C ALA F 47 9.18 -23.73 -42.24
N LYS F 48 9.11 -22.67 -43.04
CA LYS F 48 10.01 -21.54 -42.86
C LYS F 48 9.64 -20.82 -41.56
N LEU F 49 8.36 -20.50 -41.43
CA LEU F 49 7.83 -19.77 -40.28
C LEU F 49 7.95 -20.50 -38.94
N ILE F 50 8.04 -21.84 -38.97
CA ILE F 50 8.08 -22.57 -37.73
C ILE F 50 9.46 -22.44 -37.08
N GLU F 51 10.44 -22.09 -37.90
CA GLU F 51 11.80 -21.83 -37.42
C GLU F 51 11.84 -20.74 -36.34
N TYR F 52 10.97 -19.75 -36.46
CA TYR F 52 10.93 -18.65 -35.49
C TYR F 52 10.39 -19.08 -34.14
N PHE F 53 9.66 -20.19 -34.09
CA PHE F 53 8.97 -20.61 -32.86
C PHE F 53 9.77 -21.55 -31.97
N ALA F 54 9.54 -21.45 -30.67
CA ALA F 54 10.14 -22.38 -29.73
C ALA F 54 9.29 -23.65 -29.68
N GLU F 55 9.76 -24.67 -28.97
CA GLU F 55 8.99 -25.91 -28.86
C GLU F 55 7.78 -25.72 -27.95
N ASP F 56 8.01 -25.12 -26.78
CA ASP F 56 6.93 -24.76 -25.88
C ASP F 56 6.30 -23.41 -26.26
N THR F 57 5.17 -23.45 -26.97
CA THR F 57 4.63 -22.25 -27.63
C THR F 57 3.11 -22.20 -27.79
N MET F 58 2.61 -21.03 -28.17
CA MET F 58 1.19 -20.88 -28.54
C MET F 58 0.88 -19.78 -29.57
N TYR F 59 -0.15 -20.05 -30.37
CA TYR F 59 -0.57 -19.13 -31.40
C TYR F 59 -2.09 -19.04 -31.42
N GLN F 60 -2.61 -17.82 -31.37
CA GLN F 60 -4.05 -17.65 -31.29
C GLN F 60 -4.52 -16.41 -31.99
N ASN F 61 -5.56 -16.57 -32.81
CA ASN F 61 -6.38 -15.46 -33.24
C ASN F 61 -7.53 -15.40 -32.25
N MET F 62 -7.65 -14.30 -31.51
CA MET F 62 -8.61 -14.26 -30.42
C MET F 62 -10.04 -14.12 -30.96
N PRO F 63 -11.01 -14.76 -30.30
CA PRO F 63 -10.78 -15.67 -29.18
C PRO F 63 -10.92 -17.15 -29.61
N LEU F 64 -10.63 -17.43 -30.87
CA LEU F 64 -10.68 -18.80 -31.40
C LEU F 64 -9.72 -19.71 -30.65
N PRO F 65 -9.98 -21.04 -30.71
CA PRO F 65 -9.09 -22.07 -30.18
C PRO F 65 -7.60 -21.77 -30.40
N PRO F 66 -6.82 -21.76 -29.31
CA PRO F 66 -5.37 -21.54 -29.35
C PRO F 66 -4.59 -22.80 -29.68
N ALA F 67 -3.75 -22.74 -30.70
CA ALA F 67 -2.85 -23.85 -31.00
C ALA F 67 -1.69 -23.85 -30.00
N TYR F 68 -1.57 -24.91 -29.22
CA TYR F 68 -0.41 -25.07 -28.35
C TYR F 68 0.62 -26.01 -28.97
N GLY F 69 1.88 -25.84 -28.60
CA GLY F 69 2.93 -26.69 -29.14
C GLY F 69 3.39 -26.29 -30.52
N ARG F 70 4.69 -26.40 -30.76
CA ARG F 70 5.32 -26.05 -32.02
C ARG F 70 4.70 -26.85 -33.16
N ASP F 71 4.22 -28.05 -32.84
CA ASP F 71 3.62 -28.92 -33.85
C ASP F 71 2.25 -28.40 -34.31
N ALA F 72 1.35 -28.17 -33.37
CA ALA F 72 0.02 -27.68 -33.69
C ALA F 72 0.04 -26.34 -34.44
N VAL F 73 1.04 -25.51 -34.14
CA VAL F 73 1.16 -24.23 -34.82
C VAL F 73 1.54 -24.43 -36.28
N GLU F 74 2.51 -25.30 -36.54
CA GLU F 74 2.99 -25.54 -37.90
C GLU F 74 1.89 -26.08 -38.82
N GLN F 75 1.00 -26.89 -38.25
CA GLN F 75 -0.10 -27.46 -39.01
C GLN F 75 -1.19 -26.43 -39.28
N THR F 76 -1.50 -25.63 -38.27
CA THR F 76 -2.44 -24.52 -38.43
C THR F 76 -1.97 -23.58 -39.52
N LEU F 77 -0.67 -23.29 -39.50
CA LEU F 77 -0.08 -22.41 -40.49
C LEU F 77 -0.15 -23.03 -41.87
N ALA F 78 0.29 -24.28 -41.97
CA ALA F 78 0.24 -25.03 -43.22
C ALA F 78 -1.21 -25.19 -43.68
N GLY F 79 -2.11 -25.41 -42.72
CA GLY F 79 -3.54 -25.44 -43.00
C GLY F 79 -4.07 -24.12 -43.55
N PHE F 80 -3.53 -23.00 -43.07
CA PHE F 80 -3.96 -21.68 -43.56
C PHE F 80 -3.43 -21.42 -44.97
N PHE F 81 -2.19 -21.81 -45.22
CA PHE F 81 -1.56 -21.53 -46.52
C PHE F 81 -2.12 -22.41 -47.63
N THR F 82 -3.05 -23.29 -47.27
CA THR F 82 -3.74 -24.11 -48.25
C THR F 82 -5.03 -23.44 -48.76
N VAL F 83 -5.48 -22.39 -48.08
CA VAL F 83 -6.72 -21.70 -48.47
C VAL F 83 -6.54 -20.19 -48.64
N VAL F 84 -5.45 -19.64 -48.10
CA VAL F 84 -5.19 -18.20 -48.19
C VAL F 84 -3.70 -17.86 -48.36
N SER F 85 -3.41 -16.85 -49.18
CA SER F 85 -2.05 -16.32 -49.33
C SER F 85 -1.91 -14.92 -48.71
N VAL F 86 -0.95 -14.77 -47.79
CA VAL F 86 -0.64 -13.47 -47.24
C VAL F 86 0.10 -12.63 -48.28
N ASP F 87 -0.59 -11.63 -48.81
CA ASP F 87 -0.08 -10.85 -49.92
C ASP F 87 0.77 -9.67 -49.46
N ALA F 88 0.45 -9.15 -48.28
CA ALA F 88 1.15 -8.00 -47.72
C ALA F 88 0.98 -7.91 -46.21
N VAL F 89 2.05 -7.55 -45.52
CA VAL F 89 1.99 -7.22 -44.09
C VAL F 89 2.62 -5.86 -43.89
N GLU F 90 1.80 -4.84 -43.61
CA GLU F 90 2.32 -3.49 -43.35
C GLU F 90 2.31 -3.19 -41.86
N THR F 91 3.51 -3.08 -41.29
CA THR F 91 3.65 -2.85 -39.87
C THR F 91 3.82 -1.38 -39.58
N PHE F 92 2.80 -0.79 -38.98
CA PHE F 92 2.82 0.62 -38.62
C PHE F 92 3.62 0.83 -37.34
N HIS F 93 3.26 0.11 -36.29
CA HIS F 93 3.97 0.23 -35.01
C HIS F 93 4.59 -1.10 -34.54
N ILE F 94 5.83 -1.02 -34.07
CA ILE F 94 6.42 -2.07 -33.26
C ILE F 94 7.02 -1.47 -32.00
N GLY F 95 6.72 -2.10 -30.87
CA GLY F 95 7.16 -1.65 -29.57
C GLY F 95 7.25 -2.84 -28.66
N SER F 96 7.88 -2.65 -27.50
CA SER F 96 8.00 -3.72 -26.53
C SER F 96 8.08 -3.19 -25.10
N SER F 97 7.69 -4.03 -24.16
CA SER F 97 7.69 -3.65 -22.77
C SER F 97 7.52 -4.89 -21.94
N ASN F 98 8.35 -5.03 -20.92
CA ASN F 98 8.18 -6.09 -19.92
C ASN F 98 8.22 -7.50 -20.51
N GLY F 99 8.97 -7.68 -21.59
CA GLY F 99 9.11 -8.99 -22.18
C GLY F 99 8.26 -9.22 -23.41
N LEU F 100 7.27 -8.36 -23.62
CA LEU F 100 6.39 -8.54 -24.76
C LEU F 100 6.73 -7.54 -25.85
N VAL F 101 6.53 -7.97 -27.09
CA VAL F 101 6.66 -7.13 -28.26
C VAL F 101 5.24 -6.87 -28.76
N TYR F 102 5.00 -5.69 -29.33
CA TYR F 102 3.70 -5.37 -29.91
C TYR F 102 3.86 -4.98 -31.36
N THR F 103 2.95 -5.46 -32.20
CA THR F 103 2.92 -5.03 -33.60
C THR F 103 1.55 -4.47 -33.93
N GLU F 104 1.51 -3.26 -34.47
CA GLU F 104 0.26 -2.70 -34.98
C GLU F 104 0.38 -2.64 -36.49
N ARG F 105 -0.48 -3.40 -37.16
CA ARG F 105 -0.27 -3.70 -38.57
C ARG F 105 -1.56 -3.93 -39.33
N VAL F 106 -1.43 -4.00 -40.66
CA VAL F 106 -2.50 -4.52 -41.49
C VAL F 106 -1.98 -5.71 -42.29
N ASP F 107 -2.73 -6.81 -42.22
CA ASP F 107 -2.43 -8.00 -43.01
C ASP F 107 -3.38 -8.08 -44.19
N VAL F 108 -2.84 -8.06 -45.40
CA VAL F 108 -3.62 -8.32 -46.60
C VAL F 108 -3.69 -9.83 -46.88
N LEU F 109 -4.90 -10.39 -46.73
CA LEU F 109 -5.15 -11.81 -46.94
C LEU F 109 -5.93 -12.08 -48.24
N ARG F 110 -5.47 -13.05 -49.04
CA ARG F 110 -6.20 -13.46 -50.24
C ARG F 110 -6.71 -14.89 -50.12
N ALA F 111 -8.02 -15.07 -50.20
CA ALA F 111 -8.60 -16.41 -50.24
C ALA F 111 -8.12 -17.08 -51.52
N LEU F 112 -7.49 -18.25 -51.40
CA LEU F 112 -6.82 -18.87 -52.55
C LEU F 112 -7.76 -19.09 -53.73
N PRO F 113 -7.37 -18.55 -54.89
CA PRO F 113 -8.26 -17.93 -55.88
C PRO F 113 -9.74 -18.32 -55.94
N THR F 114 -10.44 -17.81 -54.93
CA THR F 114 -11.68 -17.08 -55.13
C THR F 114 -11.08 -15.72 -54.85
N GLY F 115 -10.18 -15.32 -55.74
CA GLY F 115 -9.13 -14.34 -55.49
C GLY F 115 -9.45 -13.01 -54.81
N LYS F 116 -10.47 -12.98 -53.95
CA LYS F 116 -10.86 -11.74 -53.29
C LYS F 116 -9.91 -11.41 -52.16
N SER F 117 -9.18 -10.31 -52.31
CA SER F 117 -8.28 -9.83 -51.26
C SER F 117 -9.04 -9.25 -50.08
N TYR F 118 -8.50 -9.46 -48.89
CA TYR F 118 -9.11 -8.95 -47.67
C TYR F 118 -8.07 -8.20 -46.82
N ASN F 119 -8.46 -7.07 -46.24
CA ASN F 119 -7.59 -6.27 -45.39
C ASN F 119 -7.99 -6.40 -43.92
N PHE F 120 -7.09 -6.90 -43.08
CA PHE F 120 -7.37 -6.98 -41.64
C PHE F 120 -6.48 -6.03 -40.84
N SER F 121 -7.12 -5.23 -39.99
CA SER F 121 -6.43 -4.29 -39.11
C SER F 121 -6.05 -4.99 -37.82
N ILE F 122 -4.75 -5.29 -37.66
CA ILE F 122 -4.32 -6.15 -36.56
C ILE F 122 -3.35 -5.51 -35.57
N LEU F 123 -3.55 -5.83 -34.29
CA LEU F 123 -2.61 -5.47 -33.27
C LEU F 123 -2.25 -6.78 -32.60
N GLY F 124 -0.97 -7.14 -32.68
CA GLY F 124 -0.50 -8.39 -32.13
C GLY F 124 0.51 -8.26 -30.99
N VAL F 125 0.49 -9.24 -30.10
CA VAL F 125 1.46 -9.32 -29.00
C VAL F 125 2.27 -10.64 -29.10
N PHE F 126 3.57 -10.56 -28.81
CA PHE F 126 4.44 -11.72 -28.88
C PHE F 126 5.26 -11.78 -27.63
N GLN F 127 5.42 -12.98 -27.11
CA GLN F 127 6.36 -13.19 -26.03
C GLN F 127 7.47 -14.10 -26.55
N LEU F 128 8.71 -13.64 -26.43
CA LEU F 128 9.85 -14.41 -26.90
C LEU F 128 10.73 -14.87 -25.74
N THR F 129 11.12 -16.15 -25.77
CA THR F 129 12.12 -16.64 -24.83
C THR F 129 13.35 -17.02 -25.64
N GLU F 130 14.47 -16.42 -25.26
CA GLU F 130 15.73 -16.59 -25.99
C GLU F 130 15.59 -16.59 -27.50
N GLY F 131 15.00 -15.52 -28.02
CA GLY F 131 14.94 -15.27 -29.45
C GLY F 131 13.89 -16.09 -30.17
N LYS F 132 13.10 -16.85 -29.43
CA LYS F 132 12.11 -17.73 -30.03
C LYS F 132 10.73 -17.43 -29.52
N ILE F 133 9.76 -17.52 -30.42
CA ILE F 133 8.37 -17.21 -30.07
C ILE F 133 7.77 -18.27 -29.15
N THR F 134 7.33 -17.81 -27.99
CA THR F 134 6.67 -18.67 -27.02
C THR F 134 5.17 -18.38 -27.03
N GLY F 135 4.83 -17.15 -27.37
CA GLY F 135 3.44 -16.72 -27.41
C GLY F 135 3.17 -15.81 -28.60
N TRP F 136 2.05 -16.02 -29.28
CA TRP F 136 1.62 -15.13 -30.35
C TRP F 136 0.10 -15.00 -30.40
N ARG F 137 -0.38 -13.80 -30.07
CA ARG F 137 -1.81 -13.55 -30.01
C ARG F 137 -2.18 -12.38 -30.89
N ASP F 138 -2.95 -12.65 -31.94
CA ASP F 138 -3.40 -11.59 -32.84
C ASP F 138 -4.83 -11.18 -32.50
N TYR F 139 -5.04 -9.88 -32.37
CA TYR F 139 -6.35 -9.34 -32.07
C TYR F 139 -6.86 -8.58 -33.28
N PHE F 140 -8.03 -8.95 -33.77
CA PHE F 140 -8.68 -8.28 -34.90
C PHE F 140 -10.16 -8.66 -35.07
N ASP F 141 -10.83 -7.99 -36.00
CA ASP F 141 -12.22 -8.27 -36.36
C ASP F 141 -12.37 -9.61 -37.10
N LEU F 142 -13.10 -10.55 -36.51
CA LEU F 142 -13.24 -11.89 -37.12
C LEU F 142 -14.51 -12.08 -37.96
N ARG F 143 -15.20 -10.99 -38.28
CA ARG F 143 -16.41 -11.09 -39.11
C ARG F 143 -16.07 -11.61 -40.51
N GLU F 144 -15.10 -10.97 -41.15
CA GLU F 144 -14.71 -11.37 -42.50
C GLU F 144 -13.66 -12.48 -42.48
N PHE F 145 -13.33 -12.96 -41.28
CA PHE F 145 -12.27 -13.95 -41.11
C PHE F 145 -12.63 -15.28 -41.76
N GLU F 146 -13.62 -15.96 -41.20
CA GLU F 146 -13.99 -17.31 -41.62
C GLU F 146 -14.34 -17.44 -43.10
N GLU F 147 -14.78 -16.34 -43.70
CA GLU F 147 -15.00 -16.31 -45.14
C GLU F 147 -13.69 -16.18 -45.90
N ALA F 148 -12.85 -15.24 -45.48
CA ALA F 148 -11.54 -15.06 -46.10
C ALA F 148 -10.71 -16.35 -46.02
N VAL F 149 -10.62 -16.92 -44.83
CA VAL F 149 -9.90 -18.19 -44.65
C VAL F 149 -10.93 -19.32 -44.52
N ASP F 150 -11.27 -19.90 -45.67
CA ASP F 150 -12.37 -20.85 -45.79
C ASP F 150 -12.32 -22.00 -44.78
N LEU F 151 -12.87 -21.75 -43.59
CA LEU F 151 -12.90 -22.76 -42.54
C LEU F 151 -13.89 -22.38 -41.44
N ILE G 11 34.10 15.24 -30.72
CA ILE G 11 34.73 14.11 -30.05
C ILE G 11 34.22 12.79 -30.63
N GLU G 12 35.08 11.78 -30.67
CA GLU G 12 34.77 10.51 -31.36
C GLU G 12 33.58 9.75 -30.79
N GLN G 13 32.95 8.92 -31.64
CA GLN G 13 31.98 7.93 -31.18
C GLN G 13 32.75 6.75 -30.61
N PRO G 14 32.41 6.34 -29.38
CA PRO G 14 33.11 5.23 -28.72
C PRO G 14 32.86 3.95 -29.48
N ARG G 15 33.78 3.00 -29.39
CA ARG G 15 33.61 1.70 -30.00
C ARG G 15 32.30 1.04 -29.57
N TRP G 16 31.88 1.31 -28.34
CA TRP G 16 30.71 0.63 -27.78
C TRP G 16 29.37 1.27 -28.09
N ALA G 17 29.38 2.39 -28.80
CA ALA G 17 28.15 3.09 -29.16
C ALA G 17 27.13 2.21 -29.86
N SER G 18 25.85 2.35 -29.51
CA SER G 18 24.80 1.57 -30.15
C SER G 18 23.75 2.43 -30.88
N LYS G 19 23.62 2.21 -32.18
CA LYS G 19 22.67 2.97 -32.97
C LYS G 19 21.25 2.82 -32.44
N ASP G 20 20.96 1.64 -31.89
CA ASP G 20 19.66 1.38 -31.27
C ASP G 20 19.30 2.40 -30.21
N SER G 21 20.30 2.94 -29.52
CA SER G 21 20.02 3.85 -28.43
C SER G 21 20.60 5.25 -28.68
N ALA G 22 20.94 5.55 -29.92
CA ALA G 22 21.53 6.85 -30.25
C ALA G 22 20.57 7.98 -29.92
N ALA G 23 21.14 9.16 -29.66
CA ALA G 23 20.38 10.34 -29.28
C ALA G 23 19.40 10.78 -30.37
N GLY G 24 19.80 10.62 -31.63
CA GLY G 24 18.91 10.91 -32.73
C GLY G 24 17.70 10.00 -32.73
N ALA G 25 17.70 8.97 -31.88
CA ALA G 25 16.59 8.01 -31.91
C ALA G 25 15.59 8.16 -30.77
N ALA G 26 15.67 9.26 -30.02
CA ALA G 26 14.76 9.54 -28.91
C ALA G 26 13.32 9.39 -29.35
N SER G 27 12.52 8.66 -28.58
CA SER G 27 11.18 8.31 -29.03
C SER G 27 10.09 8.38 -27.96
N THR G 28 10.31 9.22 -26.95
CA THR G 28 9.27 9.55 -25.97
C THR G 28 9.40 11.03 -25.65
N PRO G 29 8.31 11.67 -25.18
CA PRO G 29 8.42 13.07 -24.78
C PRO G 29 9.51 13.30 -23.73
N ASP G 30 9.60 12.42 -22.73
CA ASP G 30 10.61 12.58 -21.70
C ASP G 30 12.04 12.56 -22.27
N GLU G 31 12.31 11.60 -23.14
CA GLU G 31 13.61 11.52 -23.80
C GLU G 31 13.90 12.80 -24.57
N LYS G 32 12.92 13.25 -25.36
CA LYS G 32 13.12 14.46 -26.16
C LYS G 32 13.40 15.71 -25.32
N ILE G 33 12.72 15.82 -24.17
CA ILE G 33 12.93 16.94 -23.24
C ILE G 33 14.35 16.94 -22.64
N VAL G 34 14.77 15.80 -22.10
CA VAL G 34 16.13 15.66 -21.59
C VAL G 34 17.20 16.03 -22.62
N LEU G 35 17.05 15.57 -23.85
CA LEU G 35 18.00 15.95 -24.90
C LEU G 35 18.01 17.47 -25.09
N GLU G 36 16.82 18.05 -25.11
CA GLU G 36 16.71 19.49 -25.16
C GLU G 36 17.42 20.13 -23.96
N PHE G 37 17.16 19.60 -22.76
CA PHE G 37 17.90 20.06 -21.59
C PHE G 37 19.41 19.89 -21.74
N MET G 38 19.85 18.80 -22.41
CA MET G 38 21.27 18.60 -22.71
C MET G 38 21.88 19.70 -23.62
N ASP G 39 21.12 20.11 -24.65
CA ASP G 39 21.60 21.15 -25.56
C ASP G 39 21.65 22.48 -24.87
N ALA G 40 20.74 22.70 -23.93
CA ALA G 40 20.66 23.94 -23.17
C ALA G 40 21.86 24.13 -22.24
N LEU G 41 22.51 23.04 -21.82
CA LEU G 41 23.62 23.17 -20.87
C LEU G 41 24.73 24.12 -21.33
N THR G 42 24.99 24.17 -22.64
CA THR G 42 26.02 25.07 -23.18
C THR G 42 25.68 26.56 -23.05
N SER G 43 24.48 26.85 -22.57
CA SER G 43 24.09 28.22 -22.38
C SER G 43 24.82 28.84 -21.19
N ASN G 44 25.18 28.00 -20.21
CA ASN G 44 25.88 28.45 -19.00
C ASN G 44 25.02 29.46 -18.27
N ASP G 45 23.72 29.20 -18.29
CA ASP G 45 22.73 30.19 -17.87
C ASP G 45 21.77 29.55 -16.90
N ALA G 46 22.03 29.75 -15.61
CA ALA G 46 21.20 29.14 -14.57
C ALA G 46 19.72 29.50 -14.70
N ALA G 47 19.43 30.72 -15.16
CA ALA G 47 18.05 31.19 -15.32
C ALA G 47 17.30 30.55 -16.48
N LYS G 48 18.00 30.26 -17.56
CA LYS G 48 17.43 29.46 -18.63
C LYS G 48 17.23 28.03 -18.15
N LEU G 49 18.24 27.48 -17.49
CA LEU G 49 18.18 26.08 -17.11
C LEU G 49 17.13 25.71 -16.06
N ILE G 50 16.86 26.60 -15.12
CA ILE G 50 15.96 26.28 -14.01
C ILE G 50 14.50 26.11 -14.43
N GLU G 51 14.14 26.68 -15.58
CA GLU G 51 12.78 26.55 -16.06
C GLU G 51 12.45 25.10 -16.47
N TYR G 52 13.47 24.26 -16.60
CA TYR G 52 13.26 22.84 -16.88
C TYR G 52 12.83 22.07 -15.62
N PHE G 53 12.97 22.69 -14.45
CA PHE G 53 12.76 21.98 -13.18
C PHE G 53 11.42 22.25 -12.52
N ALA G 54 10.87 21.22 -11.89
CA ALA G 54 9.73 21.34 -10.99
C ALA G 54 10.16 21.96 -9.66
N GLU G 55 9.21 22.42 -8.88
CA GLU G 55 9.54 23.04 -7.60
C GLU G 55 10.07 21.98 -6.67
N ASP G 56 9.38 20.84 -6.61
CA ASP G 56 9.88 19.69 -5.88
C ASP G 56 10.88 18.92 -6.75
N THR G 57 12.16 19.17 -6.55
CA THR G 57 13.17 18.62 -7.41
C THR G 57 14.46 18.40 -6.65
N MET G 58 15.41 17.72 -7.30
CA MET G 58 16.74 17.54 -6.74
C MET G 58 17.80 17.39 -7.86
N TYR G 59 19.03 17.75 -7.53
CA TYR G 59 20.13 17.68 -8.45
C TYR G 59 21.36 17.27 -7.67
N GLN G 60 22.09 16.30 -8.18
CA GLN G 60 23.28 15.85 -7.47
C GLN G 60 24.37 15.40 -8.43
N ASN G 61 25.59 15.84 -8.17
CA ASN G 61 26.78 15.23 -8.76
C ASN G 61 27.32 14.24 -7.75
N MET G 62 27.01 12.97 -7.96
CA MET G 62 27.31 11.93 -6.99
C MET G 62 28.79 11.91 -6.64
N PRO G 63 29.13 11.73 -5.35
CA PRO G 63 28.20 11.66 -4.21
C PRO G 63 28.25 12.96 -3.38
N LEU G 64 28.55 14.08 -4.04
CA LEU G 64 28.57 15.37 -3.40
C LEU G 64 27.18 15.68 -2.85
N PRO G 65 27.11 16.57 -1.85
CA PRO G 65 25.84 16.92 -1.19
C PRO G 65 24.79 17.36 -2.21
N PRO G 66 23.62 16.75 -2.18
CA PRO G 66 22.64 17.09 -3.20
C PRO G 66 21.93 18.42 -2.94
N ALA G 67 21.33 18.97 -3.98
CA ALA G 67 20.48 20.12 -3.80
C ALA G 67 19.02 19.70 -3.93
N TYR G 68 18.18 20.13 -2.98
CA TYR G 68 16.74 19.82 -3.00
C TYR G 68 15.99 21.13 -3.05
N GLY G 69 14.93 21.19 -3.84
CA GLY G 69 14.21 22.43 -4.03
C GLY G 69 14.76 23.23 -5.20
N ARG G 70 13.87 23.86 -5.95
CA ARG G 70 14.24 24.65 -7.13
C ARG G 70 15.23 25.76 -6.80
N ASP G 71 15.02 26.40 -5.66
CA ASP G 71 15.93 27.42 -5.15
C ASP G 71 17.38 26.96 -5.02
N ALA G 72 17.59 25.83 -4.35
CA ALA G 72 18.95 25.33 -4.16
C ALA G 72 19.59 24.89 -5.48
N VAL G 73 18.77 24.40 -6.40
CA VAL G 73 19.30 23.90 -7.65
C VAL G 73 19.79 25.07 -8.50
N GLU G 74 18.99 26.15 -8.52
CA GLU G 74 19.41 27.32 -9.27
C GLU G 74 20.64 27.94 -8.66
N GLN G 75 20.69 28.06 -7.34
CA GLN G 75 21.87 28.63 -6.75
C GLN G 75 23.11 27.75 -7.04
N THR G 76 22.92 26.44 -7.09
CA THR G 76 24.05 25.56 -7.33
C THR G 76 24.58 25.71 -8.75
N LEU G 77 23.66 25.71 -9.72
CA LEU G 77 24.00 25.88 -11.12
C LEU G 77 24.60 27.26 -11.41
N ALA G 78 24.02 28.31 -10.84
CA ALA G 78 24.58 29.65 -10.98
C ALA G 78 26.00 29.73 -10.44
N GLY G 79 26.23 29.15 -9.26
CA GLY G 79 27.56 29.13 -8.70
C GLY G 79 28.52 28.42 -9.65
N PHE G 80 28.09 27.28 -10.20
N PHE G 80 28.06 27.29 -10.20
CA PHE G 80 28.94 26.52 -11.11
CA PHE G 80 28.85 26.48 -11.12
C PHE G 80 29.35 27.37 -12.31
C PHE G 80 29.33 27.30 -12.33
N PHE G 81 28.39 28.00 -12.96
CA PHE G 81 28.63 28.79 -14.15
C PHE G 81 29.48 30.05 -13.91
N THR G 82 29.71 30.35 -12.65
CA THR G 82 30.60 31.41 -12.25
C THR G 82 32.05 31.00 -12.49
N VAL G 83 32.34 29.71 -12.36
CA VAL G 83 33.72 29.25 -12.38
C VAL G 83 34.06 28.33 -13.55
N VAL G 84 33.05 27.86 -14.26
CA VAL G 84 33.34 26.92 -15.32
C VAL G 84 32.32 27.10 -16.43
N SER G 85 32.75 26.82 -17.65
CA SER G 85 31.88 26.79 -18.80
C SER G 85 31.61 25.35 -19.24
N VAL G 86 30.36 25.05 -19.60
CA VAL G 86 30.03 23.82 -20.32
C VAL G 86 30.19 24.10 -21.82
N ASP G 87 31.30 23.62 -22.40
CA ASP G 87 31.65 23.96 -23.78
C ASP G 87 30.99 23.03 -24.79
N ALA G 88 30.64 21.82 -24.38
CA ALA G 88 30.05 20.83 -25.30
C ALA G 88 29.40 19.70 -24.54
N VAL G 89 28.31 19.17 -25.05
CA VAL G 89 27.70 17.97 -24.48
C VAL G 89 27.49 17.03 -25.63
N GLU G 90 28.14 15.87 -25.59
CA GLU G 90 27.94 14.84 -26.60
C GLU G 90 27.20 13.68 -25.97
N THR G 91 25.96 13.47 -26.37
CA THR G 91 25.20 12.35 -25.83
C THR G 91 25.26 11.17 -26.80
N PHE G 92 25.85 10.07 -26.33
CA PHE G 92 25.96 8.84 -27.10
C PHE G 92 24.69 7.99 -27.05
N HIS G 93 24.15 7.80 -25.85
CA HIS G 93 22.93 7.03 -25.65
C HIS G 93 21.91 7.83 -24.86
N ILE G 94 20.67 7.66 -25.26
CA ILE G 94 19.56 8.12 -24.47
C ILE G 94 18.53 6.99 -24.45
N GLY G 95 18.02 6.70 -23.26
CA GLY G 95 16.99 5.68 -23.11
C GLY G 95 16.10 6.02 -21.93
N SER G 96 15.10 5.19 -21.70
CA SER G 96 14.23 5.45 -20.58
C SER G 96 13.55 4.19 -20.13
N SER G 97 13.18 4.16 -18.87
CA SER G 97 12.57 2.98 -18.30
C SER G 97 11.99 3.28 -16.94
N ASN G 98 10.74 2.88 -16.74
CA ASN G 98 10.07 3.06 -15.44
C ASN G 98 10.05 4.51 -14.92
N GLY G 99 9.91 5.46 -15.84
CA GLY G 99 9.82 6.86 -15.48
C GLY G 99 11.16 7.53 -15.30
N LEU G 100 12.25 6.82 -15.62
CA LEU G 100 13.57 7.40 -15.49
C LEU G 100 14.20 7.47 -16.87
N VAL G 101 14.89 8.57 -17.16
CA VAL G 101 15.59 8.73 -18.43
C VAL G 101 17.07 8.67 -18.17
N TYR G 102 17.81 8.00 -19.05
CA TYR G 102 19.26 7.81 -18.92
C TYR G 102 20.01 8.43 -20.09
N THR G 103 21.09 9.15 -19.80
CA THR G 103 21.96 9.69 -20.84
C THR G 103 23.41 9.27 -20.62
N GLU G 104 23.96 8.48 -21.54
CA GLU G 104 25.38 8.19 -21.50
C GLU G 104 26.07 9.17 -22.44
N ARG G 105 26.95 9.98 -21.91
CA ARG G 105 27.42 11.11 -22.69
C ARG G 105 28.78 11.60 -22.26
N VAL G 106 29.26 12.63 -22.94
CA VAL G 106 30.49 13.29 -22.56
C VAL G 106 30.24 14.78 -22.44
N ASP G 107 30.71 15.38 -21.36
CA ASP G 107 30.62 16.84 -21.18
C ASP G 107 32.03 17.37 -21.17
N VAL G 108 32.26 18.42 -21.95
CA VAL G 108 33.52 19.11 -21.98
C VAL G 108 33.35 20.38 -21.15
N LEU G 109 34.21 20.51 -20.16
CA LEU G 109 34.09 21.56 -19.20
C LEU G 109 35.36 22.38 -19.24
N ARG G 110 35.23 23.70 -19.21
CA ARG G 110 36.39 24.57 -19.24
C ARG G 110 36.42 25.47 -18.02
N ALA G 111 37.52 25.42 -17.29
CA ALA G 111 37.61 26.18 -16.07
C ALA G 111 37.88 27.63 -16.45
N LEU G 112 37.06 28.53 -15.95
CA LEU G 112 37.15 29.94 -16.29
C LEU G 112 38.45 30.63 -15.84
N PRO G 113 38.91 30.35 -14.62
CA PRO G 113 40.13 31.07 -14.22
C PRO G 113 41.39 30.62 -14.93
N THR G 114 41.41 29.40 -15.47
CA THR G 114 42.65 28.83 -15.98
C THR G 114 42.58 28.55 -17.46
N GLY G 115 41.37 28.47 -18.00
CA GLY G 115 41.19 28.07 -19.38
C GLY G 115 41.54 26.61 -19.67
N LYS G 116 41.75 25.82 -18.64
CA LYS G 116 42.03 24.40 -18.86
C LYS G 116 40.72 23.70 -19.19
N SER G 117 40.77 22.80 -20.15
CA SER G 117 39.58 22.02 -20.52
C SER G 117 39.61 20.61 -19.90
N TYR G 118 38.44 19.97 -19.76
CA TYR G 118 38.34 18.65 -19.14
C TYR G 118 37.24 17.85 -19.84
N ASN G 119 37.48 16.56 -20.11
CA ASN G 119 36.41 15.70 -20.62
C ASN G 119 35.86 14.84 -19.48
N PHE G 120 34.54 14.80 -19.31
CA PHE G 120 33.95 13.91 -18.30
C PHE G 120 33.01 12.89 -18.92
N SER G 121 33.35 11.62 -18.78
CA SER G 121 32.47 10.56 -19.21
C SER G 121 31.40 10.41 -18.12
N ILE G 122 30.14 10.51 -18.51
CA ILE G 122 29.05 10.66 -17.57
C ILE G 122 27.87 9.79 -17.96
N LEU G 123 27.32 9.08 -16.97
CA LEU G 123 26.05 8.43 -17.14
C LEU G 123 25.10 9.15 -16.17
N GLY G 124 24.04 9.75 -16.71
CA GLY G 124 23.14 10.53 -15.88
C GLY G 124 21.76 9.94 -15.88
N VAL G 125 21.03 10.16 -14.80
CA VAL G 125 19.64 9.71 -14.70
C VAL G 125 18.72 10.86 -14.33
N PHE G 126 17.56 10.88 -14.98
CA PHE G 126 16.64 11.98 -14.84
C PHE G 126 15.28 11.42 -14.54
N GLN G 127 14.56 12.10 -13.65
CA GLN G 127 13.16 11.76 -13.44
C GLN G 127 12.31 12.99 -13.77
N LEU G 128 11.32 12.84 -14.64
CA LEU G 128 10.44 13.96 -14.99
C LEU G 128 9.01 13.68 -14.57
N THR G 129 8.36 14.71 -14.02
CA THR G 129 6.96 14.66 -13.64
C THR G 129 6.29 15.76 -14.41
N GLU G 130 5.26 15.39 -15.18
CA GLU G 130 4.59 16.36 -16.04
C GLU G 130 5.57 17.21 -16.83
N GLY G 131 6.55 16.57 -17.47
CA GLY G 131 7.48 17.28 -18.33
C GLY G 131 8.54 18.12 -17.64
N LYS G 132 8.61 18.04 -16.30
CA LYS G 132 9.58 18.85 -15.57
C LYS G 132 10.45 17.96 -14.69
N ILE G 133 11.71 18.35 -14.55
CA ILE G 133 12.69 17.56 -13.81
C ILE G 133 12.41 17.57 -12.32
N THR G 134 12.10 16.38 -11.80
CA THR G 134 11.98 16.19 -10.37
C THR G 134 13.27 15.61 -9.77
N GLY G 135 14.19 15.22 -10.64
CA GLY G 135 15.44 14.59 -10.21
C GLY G 135 16.47 14.48 -11.32
N TRP G 136 17.71 14.83 -10.98
CA TRP G 136 18.82 14.76 -11.92
C TRP G 136 20.08 14.36 -11.15
N ARG G 137 20.59 13.15 -11.41
CA ARG G 137 21.84 12.69 -10.80
C ARG G 137 22.83 12.25 -11.89
N ASP G 138 24.02 12.86 -11.91
CA ASP G 138 25.06 12.48 -12.85
C ASP G 138 26.09 11.67 -12.11
N TYR G 139 26.53 10.58 -12.72
CA TYR G 139 27.61 9.78 -12.17
C TYR G 139 28.81 9.87 -13.06
N PHE G 140 29.92 10.24 -12.45
CA PHE G 140 31.18 10.38 -13.15
C PHE G 140 32.34 10.47 -12.16
N ASP G 141 33.55 10.42 -12.68
CA ASP G 141 34.76 10.52 -11.86
C ASP G 141 35.03 11.96 -11.45
N LEU G 142 35.17 12.18 -10.15
CA LEU G 142 35.35 13.54 -9.63
C LEU G 142 36.78 13.86 -9.31
N ARG G 143 37.73 13.07 -9.80
CA ARG G 143 39.14 13.33 -9.50
C ARG G 143 39.61 14.66 -10.13
N GLU G 144 39.12 14.97 -11.32
CA GLU G 144 39.53 16.22 -11.97
C GLU G 144 38.51 17.32 -11.71
N PHE G 145 37.32 16.94 -11.26
CA PHE G 145 36.22 17.86 -11.07
C PHE G 145 36.55 18.87 -9.98
N GLU G 146 37.33 18.43 -9.01
CA GLU G 146 37.81 19.33 -7.95
C GLU G 146 38.61 20.47 -8.55
N GLU G 147 39.55 20.13 -9.42
CA GLU G 147 40.40 21.13 -10.06
C GLU G 147 39.66 21.92 -11.14
N ALA G 148 38.71 21.26 -11.82
CA ALA G 148 37.99 21.91 -12.91
C ALA G 148 37.03 22.98 -12.36
N VAL G 149 36.48 22.70 -11.19
CA VAL G 149 35.54 23.61 -10.56
C VAL G 149 36.22 24.30 -9.39
N ASP G 150 36.53 25.58 -9.56
CA ASP G 150 37.17 26.38 -8.52
C ASP G 150 36.20 26.73 -7.38
N LEU G 151 35.46 25.73 -6.92
CA LEU G 151 34.63 25.87 -5.73
C LEU G 151 34.90 24.66 -4.86
N PRO G 152 34.83 24.85 -3.53
CA PRO G 152 35.00 23.72 -2.60
C PRO G 152 33.88 22.69 -2.75
N LEU G 153 34.23 21.43 -2.99
CA LEU G 153 33.22 20.39 -3.23
C LEU G 153 32.32 20.12 -2.02
N ILE H 11 23.10 0.84 2.09
CA ILE H 11 22.14 0.06 2.87
C ILE H 11 20.75 0.69 2.91
N GLU H 12 20.64 1.89 3.47
CA GLU H 12 19.34 2.54 3.55
C GLU H 12 18.93 3.13 2.21
N GLN H 13 17.63 3.16 1.95
CA GLN H 13 17.12 3.68 0.69
C GLN H 13 17.27 5.20 0.62
N PRO H 14 17.85 5.70 -0.48
CA PRO H 14 17.98 7.14 -0.69
C PRO H 14 16.61 7.78 -0.77
N ARG H 15 16.53 9.08 -0.54
CA ARG H 15 15.29 9.81 -0.64
C ARG H 15 14.71 9.74 -2.04
N TRP H 16 15.59 9.63 -3.04
CA TRP H 16 15.17 9.68 -4.43
C TRP H 16 14.79 8.34 -5.05
N ALA H 17 14.89 7.28 -4.26
CA ALA H 17 14.55 5.94 -4.75
C ALA H 17 13.09 5.84 -5.18
N SER H 18 12.85 5.23 -6.33
CA SER H 18 11.51 5.08 -6.87
C SER H 18 11.08 3.62 -6.87
N LYS H 19 9.89 3.37 -6.34
CA LYS H 19 9.38 2.01 -6.23
C LYS H 19 9.12 1.40 -7.60
N ASP H 20 8.84 2.26 -8.58
CA ASP H 20 8.49 1.81 -9.93
C ASP H 20 9.62 1.12 -10.65
N SER H 21 10.83 1.35 -10.19
CA SER H 21 11.99 0.87 -10.89
C SER H 21 12.89 0.15 -9.92
N ALA H 22 12.31 -0.31 -8.81
CA ALA H 22 13.07 -1.03 -7.80
C ALA H 22 13.61 -2.38 -8.30
N ALA H 23 14.67 -2.86 -7.68
CA ALA H 23 15.28 -4.13 -8.07
C ALA H 23 14.25 -5.26 -8.11
N GLY H 24 13.38 -5.31 -7.11
CA GLY H 24 12.43 -6.40 -7.02
C GLY H 24 11.37 -6.34 -8.10
N ALA H 25 11.40 -5.31 -8.94
CA ALA H 25 10.38 -5.14 -9.97
C ALA H 25 10.88 -5.44 -11.38
N ALA H 26 12.07 -6.03 -11.48
CA ALA H 26 12.68 -6.46 -12.75
C ALA H 26 11.70 -7.27 -13.58
N SER H 27 11.55 -6.94 -14.86
CA SER H 27 10.48 -7.56 -15.63
C SER H 27 10.83 -7.87 -17.08
N THR H 28 12.12 -8.07 -17.35
CA THR H 28 12.58 -8.55 -18.65
C THR H 28 13.67 -9.61 -18.39
N PRO H 29 13.89 -10.52 -19.33
CA PRO H 29 14.97 -11.49 -19.06
C PRO H 29 16.32 -10.79 -18.83
N ASP H 30 16.65 -9.79 -19.63
CA ASP H 30 17.92 -9.08 -19.46
C ASP H 30 18.08 -8.42 -18.08
N GLU H 31 17.03 -7.76 -17.60
CA GLU H 31 17.09 -7.14 -16.27
C GLU H 31 17.35 -8.18 -15.19
N LYS H 32 16.63 -9.29 -15.26
CA LYS H 32 16.78 -10.37 -14.29
C LYS H 32 18.18 -10.98 -14.30
N ILE H 33 18.79 -11.10 -15.48
CA ILE H 33 20.17 -11.58 -15.58
C ILE H 33 21.18 -10.64 -14.90
N VAL H 34 21.10 -9.35 -15.20
CA VAL H 34 21.99 -8.36 -14.53
C VAL H 34 21.81 -8.38 -13.02
N LEU H 35 20.58 -8.52 -12.54
CA LEU H 35 20.35 -8.60 -11.09
C LEU H 35 21.08 -9.78 -10.50
N GLU H 36 20.97 -10.92 -11.17
CA GLU H 36 21.66 -12.15 -10.77
C GLU H 36 23.15 -11.88 -10.76
N PHE H 37 23.63 -11.24 -11.82
CA PHE H 37 25.05 -10.89 -11.93
C PHE H 37 25.48 -9.97 -10.78
N MET H 38 24.63 -9.01 -10.41
CA MET H 38 24.90 -8.16 -9.25
C MET H 38 25.06 -8.98 -7.98
N ASP H 39 24.20 -9.98 -7.81
CA ASP H 39 24.27 -10.83 -6.63
C ASP H 39 25.57 -11.62 -6.60
N ALA H 40 26.06 -12.01 -7.76
CA ALA H 40 27.25 -12.84 -7.81
C ALA H 40 28.53 -12.05 -7.52
N LEU H 41 28.49 -10.74 -7.64
CA LEU H 41 29.70 -9.93 -7.44
C LEU H 41 30.35 -10.17 -6.08
N THR H 42 29.52 -10.35 -5.05
CA THR H 42 30.02 -10.66 -3.70
C THR H 42 30.75 -12.01 -3.59
N SER H 43 30.70 -12.82 -4.64
CA SER H 43 31.42 -14.07 -4.62
C SER H 43 32.92 -13.81 -4.64
N ASN H 44 33.32 -12.67 -5.19
CA ASN H 44 34.74 -12.33 -5.34
C ASN H 44 35.49 -13.34 -6.21
N ASP H 45 34.75 -13.98 -7.10
CA ASP H 45 35.23 -15.11 -7.89
C ASP H 45 35.20 -14.81 -9.40
N ALA H 46 36.32 -14.36 -9.92
CA ALA H 46 36.45 -14.07 -11.35
C ALA H 46 36.02 -15.23 -12.24
N ALA H 47 36.35 -16.46 -11.83
CA ALA H 47 36.00 -17.65 -12.61
C ALA H 47 34.49 -17.86 -12.64
N LYS H 48 33.82 -17.45 -11.58
CA LYS H 48 32.37 -17.53 -11.53
C LYS H 48 31.78 -16.43 -12.41
N LEU H 49 32.24 -15.21 -12.17
CA LEU H 49 31.71 -14.04 -12.89
C LEU H 49 31.90 -14.07 -14.40
N ILE H 50 33.04 -14.59 -14.86
CA ILE H 50 33.33 -14.58 -16.30
C ILE H 50 32.32 -15.37 -17.15
N GLU H 51 31.71 -16.40 -16.57
CA GLU H 51 30.70 -17.18 -17.26
C GLU H 51 29.50 -16.36 -17.74
N TYR H 52 29.27 -15.19 -17.13
CA TYR H 52 28.21 -14.27 -17.57
C TYR H 52 28.55 -13.53 -18.85
N PHE H 53 29.81 -13.60 -19.28
CA PHE H 53 30.24 -12.77 -20.41
C PHE H 53 30.28 -13.52 -21.73
N ALA H 54 29.93 -12.79 -22.79
CA ALA H 54 30.14 -13.27 -24.14
C ALA H 54 31.61 -13.19 -24.48
N GLU H 55 32.03 -13.90 -25.53
CA GLU H 55 33.41 -13.81 -26.01
C GLU H 55 33.74 -12.41 -26.47
N ASP H 56 32.82 -11.82 -27.23
CA ASP H 56 32.96 -10.46 -27.68
C ASP H 56 32.37 -9.54 -26.62
N THR H 57 33.21 -8.94 -25.80
CA THR H 57 32.71 -8.23 -24.64
C THR H 57 33.68 -7.16 -24.19
N MET H 58 33.21 -6.28 -23.30
CA MET H 58 34.08 -5.28 -22.69
C MET H 58 33.61 -4.94 -21.29
N TYR H 59 34.55 -4.45 -20.48
CA TYR H 59 34.24 -4.01 -19.14
C TYR H 59 35.12 -2.83 -18.82
N GLN H 60 34.50 -1.79 -18.26
CA GLN H 60 35.21 -0.54 -18.00
C GLN H 60 34.69 0.20 -16.78
N ASN H 61 35.60 0.57 -15.90
CA ASN H 61 35.32 1.55 -14.88
C ASN H 61 35.73 2.90 -15.42
N MET H 62 34.76 3.73 -15.79
CA MET H 62 35.02 4.95 -16.53
C MET H 62 35.83 5.89 -15.66
N PRO H 63 36.84 6.57 -16.24
CA PRO H 63 37.29 6.44 -17.62
C PRO H 63 38.61 5.67 -17.71
N LEU H 64 38.82 4.68 -16.84
CA LEU H 64 40.02 3.83 -16.88
C LEU H 64 40.05 3.04 -18.17
N PRO H 65 41.26 2.59 -18.56
CA PRO H 65 41.46 1.78 -19.77
C PRO H 65 40.51 0.59 -19.80
N PRO H 66 39.72 0.46 -20.87
CA PRO H 66 38.80 -0.66 -20.94
C PRO H 66 39.47 -2.02 -21.16
N ALA H 67 38.73 -3.07 -20.82
CA ALA H 67 39.13 -4.42 -21.09
C ALA H 67 38.24 -4.83 -22.24
N TYR H 68 38.84 -5.39 -23.29
CA TYR H 68 38.05 -5.94 -24.40
C TYR H 68 38.36 -7.42 -24.55
N GLY H 69 37.34 -8.22 -24.82
CA GLY H 69 37.52 -9.66 -24.88
C GLY H 69 37.49 -10.34 -23.53
N ARG H 70 36.99 -11.57 -23.53
CA ARG H 70 36.69 -12.31 -22.32
C ARG H 70 37.94 -12.52 -21.46
N ASP H 71 39.07 -12.82 -22.10
CA ASP H 71 40.35 -12.98 -21.41
C ASP H 71 40.72 -11.76 -20.61
N ALA H 72 40.70 -10.59 -21.25
CA ALA H 72 41.09 -9.35 -20.55
C ALA H 72 40.17 -9.04 -19.39
N VAL H 73 38.88 -9.32 -19.56
CA VAL H 73 37.87 -9.03 -18.54
C VAL H 73 38.13 -9.90 -17.30
N GLU H 74 38.29 -11.21 -17.52
CA GLU H 74 38.57 -12.12 -16.41
C GLU H 74 39.87 -11.78 -15.68
N GLN H 75 40.90 -11.41 -16.43
CA GLN H 75 42.17 -11.07 -15.81
C GLN H 75 42.01 -9.80 -14.98
N THR H 76 41.24 -8.86 -15.49
CA THR H 76 40.98 -7.64 -14.75
C THR H 76 40.21 -7.95 -13.47
N LEU H 77 39.13 -8.72 -13.58
CA LEU H 77 38.32 -9.03 -12.41
C LEU H 77 39.14 -9.80 -11.39
N ALA H 78 39.82 -10.85 -11.85
CA ALA H 78 40.70 -11.63 -10.99
C ALA H 78 41.70 -10.74 -10.26
N GLY H 79 42.28 -9.80 -10.98
CA GLY H 79 43.26 -8.91 -10.38
C GLY H 79 42.65 -8.04 -9.29
N PHE H 80 41.43 -7.55 -9.52
N PHE H 80 41.43 -7.57 -9.54
CA PHE H 80 40.75 -6.74 -8.52
CA PHE H 80 40.66 -6.77 -8.60
C PHE H 80 40.46 -7.56 -7.26
C PHE H 80 40.42 -7.54 -7.30
N PHE H 81 39.97 -8.78 -7.44
CA PHE H 81 39.61 -9.61 -6.31
C PHE H 81 40.79 -10.06 -5.44
N THR H 82 42.00 -9.73 -5.87
CA THR H 82 43.22 -9.97 -5.12
C THR H 82 43.41 -8.91 -4.04
N VAL H 83 42.88 -7.71 -4.23
CA VAL H 83 43.19 -6.62 -3.30
C VAL H 83 41.95 -6.00 -2.63
N VAL H 84 40.77 -6.39 -3.09
CA VAL H 84 39.57 -5.78 -2.57
C VAL H 84 38.44 -6.78 -2.56
N SER H 85 37.57 -6.65 -1.57
CA SER H 85 36.40 -7.50 -1.50
C SER H 85 35.13 -6.70 -1.80
N VAL H 86 34.25 -7.27 -2.61
CA VAL H 86 32.92 -6.70 -2.79
C VAL H 86 32.03 -7.24 -1.66
N ASP H 87 31.90 -6.45 -0.59
CA ASP H 87 31.15 -6.85 0.62
C ASP H 87 29.65 -6.78 0.41
N ALA H 88 29.19 -5.85 -0.42
CA ALA H 88 27.76 -5.67 -0.65
C ALA H 88 27.47 -4.96 -1.96
N VAL H 89 26.36 -5.35 -2.59
CA VAL H 89 25.79 -4.56 -3.68
C VAL H 89 24.30 -4.33 -3.41
N GLU H 90 23.90 -3.06 -3.29
CA GLU H 90 22.48 -2.67 -3.14
C GLU H 90 22.02 -1.96 -4.41
N THR H 91 21.17 -2.61 -5.18
CA THR H 91 20.68 -2.05 -6.43
C THR H 91 19.39 -1.32 -6.15
N PHE H 92 19.43 0.02 -6.20
CA PHE H 92 18.24 0.84 -5.97
C PHE H 92 17.26 0.80 -7.13
N HIS H 93 17.76 1.03 -8.35
CA HIS H 93 16.95 0.96 -9.54
C HIS H 93 17.51 -0.05 -10.52
N ILE H 94 16.62 -0.75 -11.21
CA ILE H 94 17.00 -1.45 -12.40
C ILE H 94 16.00 -1.08 -13.50
N GLY H 95 16.50 -0.93 -14.73
CA GLY H 95 15.65 -0.63 -15.85
C GLY H 95 16.36 -0.94 -17.15
N SER H 96 15.64 -0.87 -18.25
CA SER H 96 16.24 -1.22 -19.52
C SER H 96 15.60 -0.47 -20.67
N SER H 97 16.34 -0.30 -21.74
CA SER H 97 15.87 0.50 -22.88
C SER H 97 16.79 0.30 -24.08
N ASN H 98 16.22 -0.03 -25.23
CA ASN H 98 16.98 -0.15 -26.47
C ASN H 98 18.16 -1.12 -26.41
N GLY H 99 18.01 -2.20 -25.64
CA GLY H 99 19.03 -3.23 -25.54
C GLY H 99 20.07 -3.02 -24.46
N LEU H 100 19.91 -1.94 -23.68
CA LEU H 100 20.83 -1.63 -22.57
C LEU H 100 20.15 -1.78 -21.22
N VAL H 101 20.88 -2.27 -20.23
CA VAL H 101 20.29 -2.38 -18.90
C VAL H 101 21.00 -1.40 -17.97
N TYR H 102 20.26 -0.78 -17.06
CA TYR H 102 20.83 0.23 -16.14
C TYR H 102 20.64 -0.16 -14.67
N THR H 103 21.71 -0.07 -13.88
CA THR H 103 21.64 -0.28 -12.44
C THR H 103 22.11 0.99 -11.70
N GLU H 104 21.21 1.63 -10.96
CA GLU H 104 21.60 2.68 -10.03
C GLU H 104 21.77 1.98 -8.69
N ARG H 105 22.97 2.02 -8.12
CA ARG H 105 23.25 1.17 -6.98
C ARG H 105 24.38 1.70 -6.10
N VAL H 106 24.60 1.03 -4.97
CA VAL H 106 25.78 1.29 -4.15
C VAL H 106 26.57 -0.01 -4.01
N ASP H 107 27.88 0.08 -4.18
CA ASP H 107 28.75 -1.08 -3.98
C ASP H 107 29.59 -0.78 -2.75
N VAL H 108 29.64 -1.72 -1.83
CA VAL H 108 30.52 -1.58 -0.68
C VAL H 108 31.77 -2.44 -0.92
N LEU H 109 32.92 -1.79 -0.90
CA LEU H 109 34.17 -2.45 -1.20
C LEU H 109 35.08 -2.37 -0.01
N ARG H 110 35.81 -3.47 0.25
CA ARG H 110 36.74 -3.52 1.36
C ARG H 110 38.14 -3.85 0.87
N ALA H 111 39.09 -2.97 1.16
CA ALA H 111 40.47 -3.22 0.79
C ALA H 111 41.01 -4.36 1.65
N LEU H 112 41.55 -5.37 1.00
CA LEU H 112 42.11 -6.51 1.71
C LEU H 112 43.26 -6.17 2.65
N PRO H 113 44.24 -5.35 2.22
CA PRO H 113 45.38 -5.12 3.10
C PRO H 113 45.14 -4.14 4.25
N THR H 114 44.06 -3.34 4.23
CA THR H 114 43.88 -2.36 5.29
C THR H 114 42.64 -2.59 6.08
N GLY H 115 41.70 -3.31 5.51
CA GLY H 115 40.42 -3.48 6.15
C GLY H 115 39.50 -2.28 6.03
N LYS H 116 39.92 -1.25 5.30
CA LYS H 116 39.05 -0.08 5.14
C LYS H 116 37.91 -0.37 4.19
N SER H 117 36.73 0.13 4.52
CA SER H 117 35.55 -0.04 3.67
C SER H 117 35.16 1.25 2.97
N TYR H 118 34.61 1.12 1.77
CA TYR H 118 34.27 2.27 0.94
C TYR H 118 32.90 2.09 0.32
N ASN H 119 32.06 3.10 0.44
CA ASN H 119 30.78 3.11 -0.27
C ASN H 119 30.92 3.83 -1.60
N PHE H 120 30.60 3.17 -2.71
CA PHE H 120 30.58 3.85 -4.02
C PHE H 120 29.20 3.95 -4.65
N SER H 121 28.75 5.17 -4.91
CA SER H 121 27.48 5.34 -5.60
C SER H 121 27.74 5.20 -7.10
N ILE H 122 27.12 4.19 -7.71
CA ILE H 122 27.40 3.79 -9.08
C ILE H 122 26.16 3.76 -9.97
N LEU H 123 26.30 4.25 -11.18
CA LEU H 123 25.30 4.01 -12.19
C LEU H 123 25.99 3.14 -13.26
N GLY H 124 25.42 2.00 -13.58
CA GLY H 124 26.06 1.11 -14.54
C GLY H 124 25.20 0.85 -15.75
N VAL H 125 25.84 0.67 -16.91
CA VAL H 125 25.13 0.29 -18.13
C VAL H 125 25.67 -1.07 -18.58
N PHE H 126 24.76 -1.91 -19.04
CA PHE H 126 25.13 -3.25 -19.47
C PHE H 126 24.48 -3.45 -20.81
N GLN H 127 25.20 -4.06 -21.75
CA GLN H 127 24.57 -4.53 -22.98
C GLN H 127 24.66 -6.05 -23.09
N LEU H 128 23.52 -6.71 -23.21
CA LEU H 128 23.53 -8.18 -23.34
C LEU H 128 23.17 -8.65 -24.74
N THR H 129 23.86 -9.70 -25.19
CA THR H 129 23.56 -10.39 -26.45
C THR H 129 23.28 -11.85 -26.15
N GLU H 130 22.08 -12.31 -26.52
CA GLU H 130 21.62 -13.67 -26.18
C GLU H 130 21.94 -14.03 -24.73
N GLY H 131 21.65 -13.10 -23.83
CA GLY H 131 21.76 -13.38 -22.41
C GLY H 131 23.16 -13.28 -21.83
N LYS H 132 24.12 -12.91 -22.67
CA LYS H 132 25.49 -12.83 -22.20
C LYS H 132 25.99 -11.39 -22.30
N ILE H 133 26.88 -11.03 -21.38
CA ILE H 133 27.38 -9.68 -21.36
C ILE H 133 28.33 -9.38 -22.51
N THR H 134 27.94 -8.43 -23.36
CA THR H 134 28.85 -7.90 -24.37
C THR H 134 29.43 -6.53 -24.02
N GLY H 135 28.86 -5.85 -23.02
CA GLY H 135 29.41 -4.61 -22.52
C GLY H 135 28.97 -4.26 -21.10
N TRP H 136 29.90 -3.78 -20.29
CA TRP H 136 29.58 -3.40 -18.93
C TRP H 136 30.42 -2.19 -18.55
N ARG H 137 29.76 -1.04 -18.38
CA ARG H 137 30.42 0.19 -17.99
C ARG H 137 29.83 0.79 -16.69
N ASP H 138 30.67 0.94 -15.68
CA ASP H 138 30.25 1.50 -14.40
C ASP H 138 30.71 2.95 -14.30
N TYR H 139 29.84 3.82 -13.82
CA TYR H 139 30.17 5.23 -13.69
C TYR H 139 30.06 5.62 -12.24
N PHE H 140 31.13 6.17 -11.68
CA PHE H 140 31.17 6.55 -10.27
C PHE H 140 32.41 7.37 -9.98
N ASP H 141 32.49 7.95 -8.80
CA ASP H 141 33.64 8.78 -8.42
C ASP H 141 34.85 7.91 -8.09
N LEU H 142 35.98 8.18 -8.73
CA LEU H 142 37.17 7.36 -8.51
C LEU H 142 38.14 7.98 -7.51
N ARG H 143 37.73 9.02 -6.79
CA ARG H 143 38.67 9.69 -5.90
C ARG H 143 39.18 8.74 -4.82
N GLU H 144 38.31 7.87 -4.34
CA GLU H 144 38.65 6.91 -3.30
C GLU H 144 39.04 5.55 -3.87
N PHE H 145 38.75 5.35 -5.15
CA PHE H 145 38.88 4.06 -5.80
C PHE H 145 40.36 3.70 -5.95
N GLU H 146 41.19 4.69 -6.23
CA GLU H 146 42.63 4.46 -6.25
C GLU H 146 43.20 4.06 -4.88
N GLU H 147 42.65 4.61 -3.80
CA GLU H 147 43.06 4.22 -2.46
C GLU H 147 42.48 2.87 -2.07
N ALA H 148 41.23 2.63 -2.48
CA ALA H 148 40.53 1.40 -2.15
C ALA H 148 41.19 0.19 -2.82
N VAL H 149 41.81 0.45 -3.95
CA VAL H 149 42.36 -0.60 -4.76
C VAL H 149 43.85 -0.37 -4.86
N ASP H 150 44.63 -1.25 -4.22
CA ASP H 150 46.07 -1.17 -4.32
C ASP H 150 46.56 -1.81 -5.62
N LEU H 151 46.22 -1.16 -6.71
CA LEU H 151 46.78 -1.42 -8.03
C LEU H 151 46.84 -0.05 -8.66
N PRO H 152 47.89 0.21 -9.47
CA PRO H 152 47.94 1.43 -10.29
C PRO H 152 46.70 1.53 -11.19
N LEU H 153 46.23 2.74 -11.43
CA LEU H 153 44.92 2.94 -12.06
C LEU H 153 44.96 2.95 -13.60
N ARG H 154 46.11 3.30 -14.17
CA ARG H 154 46.31 3.37 -15.63
C ARG H 154 45.60 4.55 -16.29
N GLY H 155 44.80 5.26 -15.50
CA GLY H 155 44.07 6.42 -15.96
C GLY H 155 43.55 7.17 -14.76
#